data_4FBL
#
_entry.id   4FBL
#
_cell.length_a   105.270
_cell.length_b   105.270
_cell.length_c   120.980
_cell.angle_alpha   90.00
_cell.angle_beta   90.00
_cell.angle_gamma   90.00
#
_symmetry.space_group_name_H-M   'P 4'
#
loop_
_entity.id
_entity.type
_entity.pdbx_description
1 polymer 'LipS lipolytic enzyme'
2 non-polymer SPERMIDINE
3 non-polymer 'CHLORIDE ION'
4 water water
#
_entity_poly.entity_id   1
_entity_poly.type   'polypeptide(L)'
_entity_poly.pdbx_seq_one_letter_code
;GAMCRKSRNCRNPPRSGDAQQRPRERSGSGMSTTPLQVLPGAEPLYSVGSRIGVLVSHGFTGSPQSMRFLAEGFARAGYT
VATPRLTGHGTTPAEMAASTASDWTADIVAAMRWLEERCDVLFMTGLSMGGALTVWAAGQFPERFAGIMPINAALRMESP
DLAALAFNPDAPAELPGIGSDIKAEGVKELAYPVTPVPAIKHLITIGAVAEMLLPRVKCPALIIQSREDHVVPPHNGELI
YNGIGSTEKELLWLENSYHVATLDNDKELILERSLAFIRKH
;
_entity_poly.pdbx_strand_id   A,B,C,D
#
# COMPACT_ATOMS: atom_id res chain seq x y z
N GLN A 37 26.99 3.12 -44.53
CA GLN A 37 26.98 3.58 -45.99
C GLN A 37 25.71 4.31 -46.54
N VAL A 38 25.86 5.59 -46.95
CA VAL A 38 24.72 6.38 -47.50
C VAL A 38 24.45 6.11 -48.99
N LEU A 39 23.27 5.60 -49.34
CA LEU A 39 22.88 5.34 -50.73
C LEU A 39 23.21 6.55 -51.65
N PRO A 40 23.74 6.28 -52.85
CA PRO A 40 24.08 7.49 -53.65
C PRO A 40 22.85 8.37 -54.00
N GLY A 41 22.95 9.67 -53.81
CA GLY A 41 21.81 10.50 -54.05
C GLY A 41 20.98 10.88 -52.81
N ALA A 42 21.18 10.17 -51.69
CA ALA A 42 20.47 10.38 -50.44
C ALA A 42 21.27 11.20 -49.45
N GLU A 43 22.38 11.84 -49.88
CA GLU A 43 23.11 12.61 -48.90
C GLU A 43 22.38 13.90 -48.43
N PRO A 44 22.70 14.35 -47.20
CA PRO A 44 22.06 15.58 -46.67
C PRO A 44 22.63 16.83 -47.39
N LEU A 45 21.93 17.97 -47.31
CA LEU A 45 22.37 19.24 -47.90
C LEU A 45 22.53 20.34 -46.83
N TYR A 46 23.76 20.81 -46.65
CA TYR A 46 24.07 21.89 -45.76
C TYR A 46 24.71 23.02 -46.60
N SER A 47 24.02 24.14 -46.75
CA SER A 47 24.54 25.24 -47.51
C SER A 47 24.49 26.47 -46.65
N VAL A 48 25.56 27.24 -46.62
CA VAL A 48 25.67 28.42 -45.79
C VAL A 48 25.57 29.72 -46.65
N GLY A 49 24.69 30.64 -46.23
CA GLY A 49 24.41 31.86 -46.99
C GLY A 49 24.20 32.87 -45.90
N SER A 50 23.03 33.51 -45.91
CA SER A 50 22.76 34.67 -45.06
C SER A 50 22.34 34.18 -43.70
N ARG A 51 22.10 35.12 -42.80
CA ARG A 51 21.60 34.86 -41.48
C ARG A 51 20.07 34.54 -41.36
N ILE A 52 19.45 34.30 -42.50
CA ILE A 52 18.13 33.70 -42.48
C ILE A 52 18.30 32.28 -42.98
N GLY A 53 17.82 31.31 -42.17
CA GLY A 53 17.99 29.88 -42.44
C GLY A 53 16.67 29.14 -42.65
N VAL A 54 16.73 28.07 -43.41
CA VAL A 54 15.59 27.20 -43.60
C VAL A 54 16.00 25.73 -43.25
N LEU A 55 15.22 25.09 -42.38
CA LEU A 55 15.31 23.67 -42.15
C LEU A 55 14.30 22.96 -43.09
N VAL A 56 14.77 21.98 -43.88
CA VAL A 56 13.95 21.18 -44.79
C VAL A 56 13.96 19.71 -44.43
N SER A 57 12.80 19.18 -44.09
CA SER A 57 12.75 17.78 -43.69
C SER A 57 12.02 16.85 -44.63
N HIS A 58 12.68 15.75 -45.05
CA HIS A 58 11.96 14.70 -45.83
C HIS A 58 11.05 13.86 -44.89
N GLY A 59 10.33 12.87 -45.43
CA GLY A 59 9.42 12.01 -44.69
C GLY A 59 9.87 10.55 -44.54
N PHE A 60 8.93 9.73 -44.06
CA PHE A 60 9.18 8.36 -43.56
C PHE A 60 9.45 7.40 -44.78
N THR A 61 10.58 6.69 -44.74
CA THR A 61 11.16 5.83 -45.84
C THR A 61 11.80 6.63 -46.99
N GLY A 62 11.69 7.98 -46.94
CA GLY A 62 12.25 8.80 -48.02
C GLY A 62 13.66 9.28 -47.68
N SER A 63 14.12 10.33 -48.35
CA SER A 63 15.47 10.83 -48.14
C SER A 63 15.54 12.27 -48.62
N PRO A 64 16.70 12.90 -48.48
CA PRO A 64 16.81 14.28 -48.88
C PRO A 64 16.64 14.45 -50.37
N GLN A 65 16.69 13.36 -51.16
CA GLN A 65 16.49 13.49 -52.62
C GLN A 65 15.13 14.12 -52.89
N SER A 66 14.09 13.78 -52.11
CA SER A 66 12.72 14.25 -52.46
C SER A 66 12.62 15.78 -52.19
N MET A 67 13.58 16.33 -51.41
CA MET A 67 13.53 17.76 -50.98
C MET A 67 14.64 18.59 -51.72
N ARG A 68 15.42 17.92 -52.62
CA ARG A 68 16.65 18.55 -53.08
C ARG A 68 16.40 19.84 -53.92
N PHE A 69 15.44 19.78 -54.79
CA PHE A 69 15.11 20.85 -55.66
C PHE A 69 14.73 22.08 -54.82
N LEU A 70 13.94 21.85 -53.74
CA LEU A 70 13.50 22.93 -52.96
C LEU A 70 14.62 23.52 -52.22
N ALA A 71 15.38 22.65 -51.54
CA ALA A 71 16.55 23.03 -50.78
C ALA A 71 17.54 23.82 -51.60
N GLU A 72 17.77 23.36 -52.81
CA GLU A 72 18.63 24.08 -53.72
C GLU A 72 18.09 25.44 -54.12
N GLY A 73 16.78 25.52 -54.32
CA GLY A 73 16.12 26.75 -54.59
C GLY A 73 16.36 27.78 -53.50
N PHE A 74 16.27 27.40 -52.20
CA PHE A 74 16.51 28.34 -51.13
C PHE A 74 17.97 28.74 -51.06
N ALA A 75 18.88 27.78 -51.26
CA ALA A 75 20.33 28.10 -51.16
C ALA A 75 20.73 29.12 -52.28
N ARG A 76 20.21 28.87 -53.45
CA ARG A 76 20.36 29.78 -54.56
C ARG A 76 19.78 31.17 -54.35
N ALA A 77 18.75 31.34 -53.51
CA ALA A 77 18.27 32.69 -53.18
C ALA A 77 19.12 33.32 -52.12
N GLY A 78 20.10 32.61 -51.62
CA GLY A 78 20.99 33.13 -50.62
C GLY A 78 20.79 32.78 -49.18
N TYR A 79 19.77 31.95 -48.91
CA TYR A 79 19.47 31.47 -47.52
C TYR A 79 20.48 30.38 -47.08
N THR A 80 20.77 30.32 -45.79
CA THR A 80 21.42 29.10 -45.19
C THR A 80 20.39 27.97 -45.14
N VAL A 81 20.76 26.73 -45.43
CA VAL A 81 19.77 25.66 -45.64
C VAL A 81 20.32 24.37 -45.02
N ALA A 82 19.53 23.74 -44.15
CA ALA A 82 19.85 22.42 -43.60
C ALA A 82 18.74 21.46 -44.04
N THR A 83 19.14 20.42 -44.78
CA THR A 83 18.26 19.39 -45.24
C THR A 83 18.92 18.09 -44.67
N PRO A 84 18.62 17.78 -43.40
CA PRO A 84 19.26 16.55 -42.82
C PRO A 84 18.76 15.24 -43.42
N ARG A 85 19.61 14.21 -43.27
CA ARG A 85 19.17 12.82 -43.56
C ARG A 85 18.66 12.22 -42.23
N LEU A 86 17.42 11.81 -42.13
CA LEU A 86 16.85 11.34 -40.83
C LEU A 86 17.47 9.98 -40.47
N THR A 87 17.67 9.70 -39.19
CA THR A 87 18.24 8.44 -38.79
C THR A 87 17.59 7.20 -39.47
N GLY A 88 18.40 6.20 -39.94
CA GLY A 88 17.92 4.99 -40.61
C GLY A 88 17.37 5.13 -42.04
N HIS A 89 17.47 6.36 -42.60
CA HIS A 89 16.95 6.72 -43.92
C HIS A 89 18.18 6.90 -44.82
N GLY A 90 17.98 6.54 -46.08
CA GLY A 90 19.03 6.59 -47.09
C GLY A 90 20.16 5.59 -46.88
N THR A 91 19.92 4.47 -46.15
CA THR A 91 21.03 3.54 -45.76
C THR A 91 20.45 2.16 -46.04
N THR A 92 19.89 1.48 -45.04
CA THR A 92 19.06 0.31 -45.30
C THR A 92 17.78 0.31 -44.48
N PRO A 93 16.78 -0.46 -44.96
CA PRO A 93 15.52 -0.76 -44.27
C PRO A 93 15.68 -1.34 -42.92
N ALA A 94 16.67 -2.24 -42.75
CA ALA A 94 17.03 -2.82 -41.44
C ALA A 94 17.42 -1.72 -40.47
N GLU A 95 18.31 -0.81 -40.90
CA GLU A 95 18.63 0.34 -40.05
C GLU A 95 17.37 1.14 -39.63
N MET A 96 16.49 1.41 -40.59
CA MET A 96 15.24 2.11 -40.32
C MET A 96 14.41 1.32 -39.31
N ALA A 97 14.37 -0.01 -39.45
CA ALA A 97 13.55 -0.84 -38.54
C ALA A 97 13.95 -0.62 -37.10
N ALA A 98 15.20 -0.29 -36.83
CA ALA A 98 15.72 -0.04 -35.51
C ALA A 98 15.66 1.46 -35.09
N SER A 99 15.13 2.32 -35.94
CA SER A 99 15.05 3.79 -35.65
C SER A 99 13.72 4.21 -35.04
N THR A 100 13.67 5.33 -34.30
CA THR A 100 12.48 5.70 -33.55
C THR A 100 12.10 7.18 -33.72
N ALA A 101 10.90 7.54 -33.27
CA ALA A 101 10.53 8.94 -33.21
C ALA A 101 11.47 9.78 -32.30
N SER A 102 12.04 9.23 -31.21
CA SER A 102 13.02 10.02 -30.44
C SER A 102 14.24 10.34 -31.30
N ASP A 103 14.68 9.39 -32.16
CA ASP A 103 15.83 9.69 -33.06
C ASP A 103 15.46 10.90 -34.01
N TRP A 104 14.30 10.82 -34.63
CA TRP A 104 13.88 11.78 -35.62
C TRP A 104 13.66 13.18 -35.03
N THR A 105 12.97 13.29 -33.91
CA THR A 105 12.85 14.56 -33.25
C THR A 105 14.26 15.02 -32.86
N ALA A 106 15.18 14.12 -32.48
CA ALA A 106 16.55 14.59 -32.12
C ALA A 106 17.28 15.06 -33.36
N ASP A 107 16.94 14.45 -34.50
CA ASP A 107 17.58 14.88 -35.78
C ASP A 107 17.10 16.34 -36.10
N ILE A 108 15.81 16.63 -35.87
CA ILE A 108 15.31 17.97 -36.16
C ILE A 108 15.99 18.97 -35.20
N VAL A 109 16.11 18.60 -33.91
CA VAL A 109 16.75 19.50 -32.91
C VAL A 109 18.20 19.79 -33.31
N ALA A 110 18.90 18.72 -33.71
CA ALA A 110 20.29 18.85 -34.10
C ALA A 110 20.37 19.80 -35.33
N ALA A 111 19.40 19.71 -36.25
CA ALA A 111 19.45 20.59 -37.40
C ALA A 111 19.09 22.05 -37.02
N MET A 112 18.12 22.24 -36.13
CA MET A 112 17.84 23.56 -35.57
C MET A 112 19.12 24.15 -34.91
N ARG A 113 19.89 23.31 -34.20
CA ARG A 113 21.13 23.87 -33.56
C ARG A 113 22.19 24.26 -34.58
N TRP A 114 22.35 23.44 -35.61
CA TRP A 114 23.20 23.84 -36.72
C TRP A 114 22.74 25.22 -37.36
N LEU A 115 21.45 25.42 -37.53
CA LEU A 115 20.98 26.69 -38.08
C LEU A 115 21.17 27.83 -37.09
N GLU A 116 20.92 27.61 -35.79
CA GLU A 116 21.09 28.69 -34.80
C GLU A 116 22.56 29.14 -34.66
N GLU A 117 23.51 28.28 -35.05
CA GLU A 117 24.91 28.67 -35.11
C GLU A 117 25.18 29.71 -36.21
N ARG A 118 24.50 29.53 -37.32
CA ARG A 118 24.76 30.31 -38.45
C ARG A 118 23.75 31.47 -38.68
N CYS A 119 22.69 31.55 -37.88
CA CYS A 119 21.49 32.29 -38.35
C CYS A 119 20.77 32.92 -37.18
N ASP A 120 20.12 34.04 -37.45
CA ASP A 120 19.29 34.80 -36.46
C ASP A 120 17.78 34.43 -36.60
N VAL A 121 17.37 34.02 -37.81
CA VAL A 121 15.93 33.78 -38.13
C VAL A 121 15.79 32.40 -38.79
N LEU A 122 14.80 31.61 -38.39
CA LEU A 122 14.66 30.23 -38.91
C LEU A 122 13.28 30.00 -39.42
N PHE A 123 13.16 29.28 -40.53
CA PHE A 123 11.93 28.80 -41.02
C PHE A 123 12.04 27.27 -41.10
N MET A 124 10.91 26.57 -41.17
CA MET A 124 10.99 25.09 -41.39
C MET A 124 9.91 24.66 -42.30
N THR A 125 10.27 23.72 -43.19
CA THR A 125 9.30 23.17 -44.10
C THR A 125 9.58 21.65 -44.18
N GLY A 126 8.65 20.88 -44.68
CA GLY A 126 8.90 19.43 -44.74
C GLY A 126 7.74 18.72 -45.38
N LEU A 127 8.05 17.55 -45.91
CA LEU A 127 7.06 16.76 -46.63
C LEU A 127 6.56 15.58 -45.78
N SER A 128 5.24 15.46 -45.60
CA SER A 128 4.64 14.24 -45.00
C SER A 128 4.98 14.10 -43.51
N MET A 129 5.72 13.04 -43.11
CA MET A 129 6.19 13.00 -41.71
C MET A 129 7.06 14.20 -41.46
N GLY A 130 7.80 14.66 -42.52
CA GLY A 130 8.63 15.90 -42.39
C GLY A 130 7.76 17.13 -42.14
N GLY A 131 6.53 17.09 -42.65
CA GLY A 131 5.56 18.19 -42.46
C GLY A 131 4.99 18.07 -41.03
N ALA A 132 4.80 16.83 -40.53
CA ALA A 132 4.41 16.65 -39.11
C ALA A 132 5.54 17.09 -38.14
N LEU A 133 6.78 16.72 -38.44
CA LEU A 133 7.93 17.28 -37.66
C LEU A 133 7.99 18.83 -37.67
N THR A 134 7.57 19.43 -38.78
CA THR A 134 7.50 20.90 -38.93
C THR A 134 6.48 21.48 -37.95
N VAL A 135 5.26 20.94 -37.99
CA VAL A 135 4.23 21.36 -37.03
C VAL A 135 4.71 21.09 -35.58
N TRP A 136 5.37 19.93 -35.35
CA TRP A 136 5.81 19.53 -34.04
C TRP A 136 6.83 20.54 -33.57
N ALA A 137 7.80 20.91 -34.42
CA ALA A 137 8.90 21.83 -33.95
C ALA A 137 8.36 23.25 -33.57
N ALA A 138 7.41 23.73 -34.33
CA ALA A 138 6.80 25.04 -34.13
C ALA A 138 5.90 25.04 -32.86
N GLY A 139 5.33 23.90 -32.44
CA GLY A 139 4.48 23.83 -31.23
C GLY A 139 5.39 23.61 -30.07
N GLN A 140 6.47 22.89 -30.34
CA GLN A 140 7.38 22.54 -29.30
C GLN A 140 8.22 23.74 -28.87
N PHE A 141 8.67 24.56 -29.84
CA PHE A 141 9.57 25.69 -29.54
C PHE A 141 8.79 26.87 -30.08
N PRO A 142 7.74 27.28 -29.39
CA PRO A 142 6.78 28.25 -30.04
C PRO A 142 7.32 29.63 -30.47
N GLU A 143 8.48 30.02 -29.96
CA GLU A 143 8.97 31.40 -30.17
C GLU A 143 10.11 31.34 -31.17
N ARG A 144 10.49 30.14 -31.61
CA ARG A 144 11.75 29.97 -32.30
C ARG A 144 11.69 30.18 -33.84
N PHE A 145 10.55 29.94 -34.47
CA PHE A 145 10.51 30.02 -35.96
C PHE A 145 9.77 31.25 -36.38
N ALA A 146 10.26 31.93 -37.42
CA ALA A 146 9.59 33.10 -37.99
C ALA A 146 8.43 32.61 -38.89
N GLY A 147 8.42 31.33 -39.29
CA GLY A 147 7.38 30.85 -40.18
C GLY A 147 7.54 29.34 -40.49
N ILE A 148 6.45 28.64 -40.90
CA ILE A 148 6.56 27.21 -41.30
C ILE A 148 5.81 26.97 -42.55
N MET A 149 6.28 26.00 -43.35
CA MET A 149 5.57 25.59 -44.59
C MET A 149 5.42 24.05 -44.61
N PRO A 150 4.52 23.48 -43.78
CA PRO A 150 4.27 21.99 -43.90
C PRO A 150 3.62 21.61 -45.25
N ILE A 151 4.09 20.54 -45.89
CA ILE A 151 3.58 20.10 -47.18
C ILE A 151 3.07 18.67 -47.06
N ASN A 152 1.77 18.47 -47.29
CA ASN A 152 1.12 17.17 -47.14
C ASN A 152 1.44 16.52 -45.79
N ALA A 153 1.41 17.34 -44.76
CA ALA A 153 1.90 16.87 -43.44
C ALA A 153 1.09 15.63 -42.97
N ALA A 154 1.78 14.64 -42.40
CA ALA A 154 1.10 13.37 -42.04
C ALA A 154 0.76 13.35 -40.49
N LEU A 155 -0.24 14.13 -40.11
CA LEU A 155 -0.76 14.15 -38.72
C LEU A 155 -1.69 12.94 -38.47
N ARG A 156 -2.61 12.69 -39.40
CA ARG A 156 -3.56 11.56 -39.29
C ARG A 156 -3.51 10.70 -40.57
N MET A 157 -3.02 9.47 -40.45
CA MET A 157 -2.93 8.57 -41.60
C MET A 157 -4.33 8.00 -41.90
N GLU A 158 -5.21 7.98 -40.88
CA GLU A 158 -6.57 7.41 -41.03
C GLU A 158 -6.63 6.05 -41.67
N SER A 159 -5.69 5.17 -41.29
CA SER A 159 -5.67 3.88 -41.91
C SER A 159 -5.73 2.76 -40.86
N PRO A 160 -6.90 2.10 -40.69
CA PRO A 160 -6.99 0.82 -39.79
C PRO A 160 -5.98 -0.27 -40.12
N ASP A 161 -5.64 -0.49 -41.38
CA ASP A 161 -4.60 -1.49 -41.67
C ASP A 161 -3.24 -1.04 -41.19
N LEU A 162 -2.91 0.24 -41.39
CA LEU A 162 -1.64 0.73 -40.92
C LEU A 162 -1.59 0.60 -39.38
N ALA A 163 -2.66 1.04 -38.71
CA ALA A 163 -2.71 0.95 -37.20
C ALA A 163 -2.58 -0.54 -36.77
N ALA A 164 -3.16 -1.47 -37.55
CA ALA A 164 -3.05 -2.92 -37.22
C ALA A 164 -1.70 -3.49 -37.39
N LEU A 165 -0.74 -2.71 -37.93
CA LEU A 165 0.68 -3.16 -37.94
C LEU A 165 1.58 -2.58 -36.88
N ALA A 166 1.13 -1.53 -36.20
CA ALA A 166 1.95 -0.82 -35.21
C ALA A 166 2.52 -1.73 -34.13
N PHE A 167 1.65 -2.53 -33.47
CA PHE A 167 2.05 -3.52 -32.41
C PHE A 167 1.57 -4.98 -32.65
N ASN A 168 1.67 -5.46 -33.88
CA ASN A 168 1.16 -6.74 -34.27
C ASN A 168 2.24 -7.70 -33.91
N PRO A 169 1.95 -8.64 -33.00
CA PRO A 169 2.99 -9.67 -32.67
C PRO A 169 3.26 -10.69 -33.80
N ASP A 170 2.34 -10.79 -34.77
CA ASP A 170 2.44 -11.72 -35.92
C ASP A 170 2.55 -11.03 -37.27
N ALA A 171 3.40 -10.01 -37.41
CA ALA A 171 3.36 -9.23 -38.66
C ALA A 171 4.64 -9.53 -39.41
N PRO A 172 4.61 -9.45 -40.73
CA PRO A 172 5.90 -9.56 -41.44
C PRO A 172 6.92 -8.46 -41.04
N ALA A 173 8.19 -8.67 -41.31
CA ALA A 173 9.15 -7.61 -41.05
C ALA A 173 8.98 -6.38 -41.99
N GLU A 174 8.45 -6.62 -43.21
CA GLU A 174 8.40 -5.57 -44.25
C GLU A 174 7.16 -5.66 -45.08
N LEU A 175 6.68 -4.54 -45.59
CA LEU A 175 5.65 -4.56 -46.62
C LEU A 175 6.19 -3.85 -47.87
N PRO A 176 5.52 -3.96 -49.04
CA PRO A 176 5.72 -3.07 -50.23
C PRO A 176 5.82 -1.57 -49.91
N GLY A 177 6.60 -0.85 -50.72
CA GLY A 177 6.93 0.56 -50.42
C GLY A 177 5.86 1.62 -50.58
N ILE A 178 6.04 2.77 -49.94
CA ILE A 178 5.08 3.91 -49.96
C ILE A 178 5.39 4.94 -51.12
N GLY A 179 6.59 4.75 -51.73
CA GLY A 179 7.22 5.69 -52.69
C GLY A 179 6.59 6.00 -54.05
N SER A 180 7.06 7.15 -54.55
CA SER A 180 6.68 7.70 -55.83
C SER A 180 5.14 7.85 -56.14
N ASP A 181 4.24 8.21 -55.22
CA ASP A 181 2.90 8.74 -55.62
C ASP A 181 3.06 10.19 -56.21
N ILE A 182 3.29 10.26 -57.55
CA ILE A 182 3.66 11.44 -58.31
C ILE A 182 2.78 11.52 -59.60
N LYS A 183 2.23 12.69 -59.86
CA LYS A 183 1.32 12.80 -61.02
C LYS A 183 2.20 12.93 -62.25
N ALA A 184 3.20 13.79 -62.21
CA ALA A 184 4.07 13.94 -63.40
C ALA A 184 4.70 12.63 -63.79
N GLU A 185 4.74 12.38 -65.09
CA GLU A 185 5.13 11.11 -65.67
C GLU A 185 6.65 11.00 -65.64
N GLY A 186 7.18 9.79 -65.42
CA GLY A 186 8.62 9.51 -65.55
C GLY A 186 9.48 10.12 -64.45
N VAL A 187 8.88 10.53 -63.34
CA VAL A 187 9.63 11.16 -62.24
C VAL A 187 9.81 10.13 -61.12
N LYS A 188 11.06 9.91 -60.68
CA LYS A 188 11.39 8.96 -59.59
C LYS A 188 11.83 9.63 -58.24
N GLU A 189 11.36 9.01 -57.16
CA GLU A 189 11.76 9.31 -55.81
C GLU A 189 12.80 8.28 -55.30
N LEU A 190 13.90 8.72 -54.70
CA LEU A 190 14.78 7.83 -53.97
C LEU A 190 14.13 7.64 -52.51
N ALA A 191 13.55 6.48 -52.30
CA ALA A 191 12.90 6.07 -51.03
C ALA A 191 13.10 4.55 -50.99
N TYR A 192 13.13 3.94 -49.79
CA TYR A 192 13.06 2.47 -49.69
C TYR A 192 11.92 1.81 -50.51
N PRO A 193 12.25 0.68 -51.17
CA PRO A 193 11.26 -0.07 -51.97
C PRO A 193 10.33 -0.92 -51.07
N VAL A 194 10.59 -0.91 -49.74
CA VAL A 194 9.72 -1.56 -48.77
C VAL A 194 9.47 -0.65 -47.54
N THR A 195 8.44 -1.00 -46.75
CA THR A 195 8.13 -0.38 -45.46
C THR A 195 8.53 -1.31 -44.30
N PRO A 196 9.48 -0.91 -43.45
CA PRO A 196 9.92 -1.66 -42.26
C PRO A 196 8.89 -1.57 -41.15
N VAL A 197 8.27 -2.73 -40.83
CA VAL A 197 7.10 -2.79 -39.98
C VAL A 197 7.34 -2.21 -38.55
N PRO A 198 8.48 -2.48 -37.91
CA PRO A 198 8.67 -1.83 -36.60
C PRO A 198 8.73 -0.32 -36.59
N ALA A 199 8.90 0.32 -37.76
CA ALA A 199 9.03 1.79 -37.71
C ALA A 199 7.64 2.42 -37.70
N ILE A 200 6.60 1.65 -38.08
CA ILE A 200 5.30 2.23 -38.30
C ILE A 200 4.69 2.97 -37.04
N LYS A 201 4.92 2.39 -35.85
CA LYS A 201 4.37 3.03 -34.65
C LYS A 201 4.92 4.48 -34.47
N HIS A 202 6.17 4.69 -34.86
CA HIS A 202 6.84 5.96 -34.71
C HIS A 202 6.30 7.08 -35.67
N LEU A 203 5.89 6.69 -36.89
CA LEU A 203 5.14 7.59 -37.75
C LEU A 203 3.85 8.05 -37.13
N ILE A 204 3.12 7.09 -36.60
CA ILE A 204 1.81 7.39 -36.03
C ILE A 204 2.06 8.27 -34.74
N THR A 205 3.09 7.96 -33.96
CA THR A 205 3.34 8.80 -32.80
C THR A 205 3.69 10.28 -33.12
N ILE A 206 4.57 10.46 -34.10
CA ILE A 206 4.94 11.86 -34.46
C ILE A 206 3.71 12.57 -34.91
N GLY A 207 2.87 11.94 -35.76
CA GLY A 207 1.68 12.63 -36.18
C GLY A 207 0.73 13.07 -35.01
N ALA A 208 0.59 12.15 -34.06
CA ALA A 208 -0.31 12.36 -32.89
C ALA A 208 0.20 13.46 -32.01
N VAL A 209 1.49 13.48 -31.75
CA VAL A 209 2.05 14.54 -30.94
C VAL A 209 1.91 15.93 -31.64
N ALA A 210 2.22 15.98 -32.96
CA ALA A 210 2.06 17.20 -33.68
C ALA A 210 0.60 17.62 -33.68
N GLU A 211 -0.36 16.70 -33.88
CA GLU A 211 -1.73 17.23 -33.89
C GLU A 211 -2.14 17.89 -32.52
N MET A 212 -1.70 17.31 -31.41
CA MET A 212 -2.09 17.74 -30.05
C MET A 212 -1.37 19.06 -29.74
N LEU A 213 -0.28 19.33 -30.48
CA LEU A 213 0.50 20.55 -30.26
C LEU A 213 -0.04 21.73 -31.07
N LEU A 214 -0.94 21.46 -32.00
CA LEU A 214 -1.44 22.51 -32.90
C LEU A 214 -1.79 23.87 -32.24
N PRO A 215 -2.50 23.91 -31.10
CA PRO A 215 -2.93 25.25 -30.61
C PRO A 215 -1.73 26.03 -30.13
N ARG A 216 -0.63 25.35 -29.79
CA ARG A 216 0.63 26.04 -29.42
C ARG A 216 1.46 26.65 -30.57
N VAL A 217 1.13 26.28 -31.80
CA VAL A 217 1.83 26.85 -32.93
C VAL A 217 1.32 28.31 -33.11
N LYS A 218 2.22 29.31 -33.11
CA LYS A 218 1.71 30.67 -33.30
C LYS A 218 2.37 31.46 -34.46
N CYS A 219 3.45 30.93 -35.03
CA CYS A 219 4.18 31.63 -36.09
C CYS A 219 3.34 31.57 -37.35
N PRO A 220 3.57 32.52 -38.29
CA PRO A 220 2.92 32.49 -39.61
C PRO A 220 3.04 31.08 -40.30
N ALA A 221 2.02 30.63 -41.01
CA ALA A 221 2.07 29.30 -41.57
C ALA A 221 1.52 29.31 -42.98
N LEU A 222 2.24 28.65 -43.88
CA LEU A 222 1.82 28.40 -45.24
C LEU A 222 1.69 26.87 -45.33
N ILE A 223 0.44 26.40 -45.34
CA ILE A 223 0.08 25.01 -45.27
C ILE A 223 -0.23 24.59 -46.69
N ILE A 224 0.62 23.75 -47.26
CA ILE A 224 0.52 23.37 -48.65
C ILE A 224 0.09 21.91 -48.64
N GLN A 225 -1.01 21.63 -49.37
CA GLN A 225 -1.67 20.31 -49.38
C GLN A 225 -2.14 19.98 -50.80
N SER A 226 -1.86 18.76 -51.27
CA SER A 226 -2.29 18.30 -52.58
C SER A 226 -3.79 18.01 -52.52
N ARG A 227 -4.56 18.42 -53.54
CA ARG A 227 -6.03 18.22 -53.49
C ARG A 227 -6.33 16.70 -53.60
N GLU A 228 -5.52 16.03 -54.38
CA GLU A 228 -5.61 14.61 -54.47
C GLU A 228 -4.28 14.02 -54.04
N ASP A 229 -4.31 13.09 -53.07
CA ASP A 229 -3.11 12.54 -52.45
C ASP A 229 -3.51 11.11 -52.07
N HIS A 230 -2.79 10.11 -52.55
CA HIS A 230 -3.13 8.66 -52.26
C HIS A 230 -2.29 8.01 -51.13
N VAL A 231 -1.55 8.83 -50.35
CA VAL A 231 -0.74 8.35 -49.25
C VAL A 231 -1.33 9.03 -47.98
N VAL A 232 -1.38 10.39 -47.93
CA VAL A 232 -1.84 11.12 -46.74
C VAL A 232 -3.15 11.78 -47.09
N PRO A 233 -4.20 11.57 -46.26
CA PRO A 233 -5.47 12.26 -46.58
C PRO A 233 -5.36 13.80 -46.71
N PRO A 234 -5.93 14.35 -47.80
CA PRO A 234 -5.93 15.80 -48.04
C PRO A 234 -6.55 16.58 -46.86
N HIS A 235 -7.47 15.95 -46.16
CA HIS A 235 -8.08 16.66 -45.03
C HIS A 235 -7.05 17.12 -43.98
N ASN A 236 -5.90 16.51 -43.95
CA ASN A 236 -4.88 16.99 -43.05
C ASN A 236 -4.59 18.49 -43.20
N GLY A 237 -4.68 19.04 -44.40
CA GLY A 237 -4.47 20.49 -44.55
C GLY A 237 -5.50 21.34 -43.79
N GLU A 238 -6.76 20.91 -43.82
CA GLU A 238 -7.83 21.61 -43.08
C GLU A 238 -7.67 21.44 -41.63
N LEU A 239 -7.25 20.24 -41.26
CA LEU A 239 -7.01 19.97 -39.86
C LEU A 239 -5.99 20.96 -39.27
N ILE A 240 -4.91 21.15 -40.00
CA ILE A 240 -3.87 22.05 -39.54
C ILE A 240 -4.41 23.53 -39.56
N TYR A 241 -5.00 23.95 -40.68
CA TYR A 241 -5.51 25.34 -40.83
C TYR A 241 -6.46 25.62 -39.69
N ASN A 242 -7.37 24.68 -39.44
CA ASN A 242 -8.35 24.89 -38.39
C ASN A 242 -7.83 24.77 -36.98
N GLY A 243 -6.77 24.04 -36.72
CA GLY A 243 -6.32 23.88 -35.35
C GLY A 243 -5.18 24.76 -34.87
N ILE A 244 -4.40 25.39 -35.74
CA ILE A 244 -3.26 26.11 -35.15
C ILE A 244 -3.70 27.41 -34.49
N GLY A 245 -2.92 27.94 -33.55
CA GLY A 245 -3.20 29.26 -32.97
C GLY A 245 -2.66 30.44 -33.77
N SER A 246 -1.94 30.20 -34.89
CA SER A 246 -1.46 31.28 -35.76
C SER A 246 -2.49 32.21 -36.27
N THR A 247 -2.21 33.51 -36.17
CA THR A 247 -3.16 34.53 -36.69
C THR A 247 -2.92 34.78 -38.19
N GLU A 248 -1.68 34.57 -38.63
CA GLU A 248 -1.27 34.70 -39.98
C GLU A 248 -1.12 33.27 -40.58
N LYS A 249 -2.09 32.87 -41.40
CA LYS A 249 -2.11 31.53 -42.01
C LYS A 249 -2.81 31.44 -43.38
N GLU A 250 -2.35 30.53 -44.23
CA GLU A 250 -2.94 30.32 -45.53
C GLU A 250 -2.87 28.82 -45.83
N LEU A 251 -3.92 28.32 -46.46
CA LEU A 251 -4.04 26.94 -46.97
C LEU A 251 -3.97 27.08 -48.49
N LEU A 252 -2.92 26.51 -49.08
CA LEU A 252 -2.68 26.52 -50.49
C LEU A 252 -2.83 25.07 -50.96
N TRP A 253 -3.84 24.87 -51.82
CA TRP A 253 -4.18 23.56 -52.45
C TRP A 253 -3.41 23.39 -53.74
N LEU A 254 -2.78 22.24 -53.94
CA LEU A 254 -2.02 21.99 -55.18
C LEU A 254 -2.95 21.19 -56.12
N GLU A 255 -3.18 21.72 -57.35
CA GLU A 255 -4.09 21.08 -58.35
C GLU A 255 -3.40 20.10 -59.32
N ASN A 256 -2.08 20.09 -59.47
CA ASN A 256 -1.42 19.27 -60.48
C ASN A 256 -0.43 18.28 -59.91
N SER A 257 -0.43 18.09 -58.57
CA SER A 257 0.44 17.13 -57.91
C SER A 257 -0.33 16.07 -57.03
N TYR A 258 0.29 14.90 -56.83
CA TYR A 258 -0.19 13.96 -55.82
C TYR A 258 0.71 14.15 -54.61
N HIS A 259 1.09 13.05 -53.93
CA HIS A 259 1.70 13.15 -52.60
C HIS A 259 3.10 13.74 -52.58
N VAL A 260 3.99 13.29 -53.48
CA VAL A 260 5.35 13.75 -53.49
C VAL A 260 5.53 15.10 -54.28
N ALA A 261 4.81 16.10 -53.76
CA ALA A 261 4.58 17.38 -54.46
C ALA A 261 5.87 18.08 -54.75
N THR A 262 6.86 17.91 -53.89
CA THR A 262 8.19 18.56 -54.02
C THR A 262 9.04 18.09 -55.27
N LEU A 263 8.59 17.02 -55.90
CA LEU A 263 9.21 16.42 -57.11
C LEU A 263 8.18 16.51 -58.25
N ASP A 264 6.94 16.99 -57.96
CA ASP A 264 5.83 16.88 -58.90
C ASP A 264 5.70 18.18 -59.77
N ASN A 265 4.60 18.24 -60.54
CA ASN A 265 4.30 19.39 -61.42
C ASN A 265 4.30 20.76 -60.69
N ASP A 266 3.89 20.78 -59.40
CA ASP A 266 3.84 22.00 -58.62
C ASP A 266 5.11 22.29 -57.85
N LYS A 267 6.19 21.53 -58.07
CA LYS A 267 7.38 21.84 -57.28
C LYS A 267 7.84 23.30 -57.39
N GLU A 268 7.73 23.88 -58.62
CA GLU A 268 8.22 25.24 -58.83
C GLU A 268 7.37 26.23 -58.15
N LEU A 269 6.04 26.04 -58.20
CA LEU A 269 5.15 26.85 -57.46
C LEU A 269 5.38 26.81 -55.93
N ILE A 270 5.62 25.61 -55.38
CA ILE A 270 6.00 25.47 -53.94
C ILE A 270 7.21 26.35 -53.61
N LEU A 271 8.28 26.22 -54.37
CA LEU A 271 9.46 27.04 -54.16
C LEU A 271 9.14 28.57 -54.21
N GLU A 272 8.39 28.97 -55.25
CA GLU A 272 8.04 30.43 -55.44
C GLU A 272 7.23 31.01 -54.29
N ARG A 273 6.17 30.32 -53.94
CA ARG A 273 5.36 30.71 -52.78
C ARG A 273 6.12 30.71 -51.48
N SER A 274 6.98 29.71 -51.29
CA SER A 274 7.77 29.61 -50.03
C SER A 274 8.83 30.69 -50.00
N LEU A 275 9.47 30.97 -51.15
CA LEU A 275 10.39 32.12 -51.15
C LEU A 275 9.66 33.43 -50.84
N ALA A 276 8.46 33.61 -51.38
CA ALA A 276 7.77 34.86 -51.06
C ALA A 276 7.38 34.91 -49.57
N PHE A 277 6.99 33.75 -49.02
CA PHE A 277 6.59 33.63 -47.62
C PHE A 277 7.79 33.97 -46.74
N ILE A 278 8.95 33.46 -47.06
CA ILE A 278 10.17 33.76 -46.28
C ILE A 278 10.44 35.24 -46.31
N ARG A 279 10.39 35.83 -47.52
CA ARG A 279 10.78 37.21 -47.70
C ARG A 279 9.88 38.17 -46.88
N LYS A 280 8.63 37.83 -46.75
CA LYS A 280 7.68 38.62 -46.03
C LYS A 280 7.46 38.34 -44.57
N HIS A 281 8.18 37.42 -43.93
CA HIS A 281 7.93 37.16 -42.47
C HIS A 281 9.22 37.19 -41.69
N LEU B 36 -12.98 5.56 8.90
CA LEU B 36 -11.73 6.14 8.28
C LEU B 36 -11.49 5.48 6.92
N GLN B 37 -10.44 5.91 6.20
CA GLN B 37 -10.02 5.23 4.97
C GLN B 37 -8.99 4.17 5.30
N VAL B 38 -9.25 2.95 4.84
CA VAL B 38 -8.23 1.87 4.89
C VAL B 38 -7.11 2.17 3.90
N LEU B 39 -5.85 2.10 4.33
CA LEU B 39 -4.74 2.31 3.43
C LEU B 39 -4.70 1.25 2.26
N PRO B 40 -4.25 1.66 1.04
CA PRO B 40 -4.29 0.60 0.02
C PRO B 40 -3.28 -0.49 0.30
N GLY B 41 -3.76 -1.72 0.07
CA GLY B 41 -2.94 -2.89 0.43
C GLY B 41 -3.14 -3.41 1.88
N ALA B 42 -4.05 -2.80 2.65
CA ALA B 42 -4.20 -3.16 4.05
C ALA B 42 -5.55 -3.72 4.29
N GLU B 43 -6.24 -4.03 3.19
N GLU B 43 -6.28 -3.98 3.21
CA GLU B 43 -7.55 -4.67 3.21
CA GLU B 43 -7.63 -4.56 3.33
C GLU B 43 -7.50 -6.08 3.79
C GLU B 43 -7.53 -6.02 3.79
N PRO B 44 -8.54 -6.49 4.52
CA PRO B 44 -8.65 -7.86 5.02
C PRO B 44 -8.83 -8.83 3.83
N LEU B 45 -8.70 -10.14 4.05
CA LEU B 45 -8.89 -11.10 2.95
C LEU B 45 -9.83 -12.11 3.49
N TYR B 46 -10.98 -12.26 2.85
CA TYR B 46 -11.96 -13.28 3.15
C TYR B 46 -12.13 -14.09 1.86
N SER B 47 -12.04 -15.43 1.93
CA SER B 47 -12.18 -16.28 0.76
C SER B 47 -12.97 -17.49 1.18
N VAL B 48 -14.06 -17.75 0.48
CA VAL B 48 -14.96 -18.87 0.83
C VAL B 48 -14.52 -20.11 0.02
N GLY B 49 -14.30 -21.23 0.69
CA GLY B 49 -13.86 -22.45 -0.03
C GLY B 49 -14.48 -23.62 0.63
N SER B 50 -13.62 -24.55 1.06
CA SER B 50 -14.11 -25.80 1.63
C SER B 50 -14.60 -25.67 3.07
N ARG B 51 -15.09 -26.77 3.68
CA ARG B 51 -15.57 -26.75 5.07
C ARG B 51 -14.42 -26.77 6.13
N ILE B 52 -13.17 -26.71 5.67
CA ILE B 52 -12.05 -26.47 6.56
C ILE B 52 -11.59 -25.01 6.46
N GLY B 53 -11.50 -24.34 7.61
CA GLY B 53 -11.28 -22.88 7.58
C GLY B 53 -10.03 -22.48 8.37
N VAL B 54 -9.35 -21.43 7.97
CA VAL B 54 -8.15 -20.97 8.68
C VAL B 54 -8.28 -19.46 9.02
N LEU B 55 -8.11 -19.08 10.30
CA LEU B 55 -8.07 -17.68 10.69
C LEU B 55 -6.64 -17.23 10.72
N VAL B 56 -6.32 -16.08 10.08
CA VAL B 56 -4.95 -15.62 9.99
C VAL B 56 -4.88 -14.21 10.55
N SER B 57 -4.09 -14.02 11.62
CA SER B 57 -4.03 -12.76 12.32
C SER B 57 -2.69 -12.04 12.20
N HIS B 58 -2.70 -10.81 11.69
CA HIS B 58 -1.44 -10.04 11.74
C HIS B 58 -1.21 -9.54 13.20
N GLY B 59 -0.17 -8.73 13.40
CA GLY B 59 0.23 -8.22 14.71
C GLY B 59 0.20 -6.68 14.91
N PHE B 60 0.74 -6.26 16.05
CA PHE B 60 0.57 -4.89 16.60
C PHE B 60 1.29 -3.85 15.69
N THR B 61 0.57 -2.82 15.22
CA THR B 61 1.00 -1.83 14.17
C THR B 61 1.07 -2.41 12.72
N GLY B 62 0.88 -3.73 12.54
CA GLY B 62 1.01 -4.24 11.22
C GLY B 62 -0.30 -4.17 10.54
N SER B 63 -0.49 -4.99 9.51
CA SER B 63 -1.76 -5.11 8.82
C SER B 63 -1.78 -6.46 8.11
N PRO B 64 -2.92 -6.78 7.46
CA PRO B 64 -3.09 -8.03 6.70
C PRO B 64 -2.05 -8.20 5.57
N GLN B 65 -1.38 -7.12 5.16
CA GLN B 65 -0.38 -7.30 4.10
C GLN B 65 0.86 -8.14 4.51
N SER B 66 1.23 -8.08 5.80
CA SER B 66 2.28 -8.98 6.28
C SER B 66 1.91 -10.47 6.15
N MET B 67 0.61 -10.75 6.13
CA MET B 67 0.06 -12.13 6.13
C MET B 67 -0.50 -12.58 4.74
N ARG B 68 -0.45 -11.68 3.75
CA ARG B 68 -1.23 -11.89 2.53
C ARG B 68 -0.68 -13.07 1.71
N PHE B 69 0.64 -13.21 1.63
CA PHE B 69 1.24 -14.30 0.90
C PHE B 69 0.83 -15.63 1.51
N LEU B 70 0.82 -15.66 2.83
CA LEU B 70 0.46 -16.88 3.53
C LEU B 70 -1.02 -17.17 3.37
N ALA B 71 -1.88 -16.14 3.46
CA ALA B 71 -3.29 -16.34 3.48
C ALA B 71 -3.85 -16.71 2.05
N GLU B 72 -3.23 -16.10 1.02
CA GLU B 72 -3.57 -16.45 -0.38
C GLU B 72 -3.17 -17.91 -0.65
N GLY B 73 -2.04 -18.31 -0.04
CA GLY B 73 -1.58 -19.71 -0.11
C GLY B 73 -2.63 -20.67 0.39
N PHE B 74 -3.28 -20.36 1.54
CA PHE B 74 -4.34 -21.25 2.08
C PHE B 74 -5.56 -21.25 1.15
N ALA B 75 -5.91 -20.07 0.67
CA ALA B 75 -7.09 -19.88 -0.18
C ALA B 75 -6.92 -20.62 -1.53
N ARG B 76 -5.74 -20.49 -2.14
CA ARG B 76 -5.49 -21.25 -3.38
C ARG B 76 -5.53 -22.74 -3.18
N ALA B 77 -5.21 -23.24 -1.98
CA ALA B 77 -5.30 -24.68 -1.69
C ALA B 77 -6.76 -25.03 -1.46
N GLY B 78 -7.65 -24.04 -1.55
CA GLY B 78 -9.06 -24.37 -1.38
C GLY B 78 -9.74 -24.27 -0.04
N TYR B 79 -9.02 -23.83 1.00
CA TYR B 79 -9.64 -23.69 2.32
C TYR B 79 -10.40 -22.38 2.40
N THR B 80 -11.31 -22.28 3.35
CA THR B 80 -11.97 -20.96 3.62
C THR B 80 -10.98 -20.16 4.49
N VAL B 81 -10.83 -18.88 4.26
CA VAL B 81 -9.78 -18.13 4.96
C VAL B 81 -10.35 -16.79 5.41
N ALA B 82 -10.06 -16.38 6.66
CA ALA B 82 -10.44 -15.08 7.21
C ALA B 82 -9.17 -14.45 7.71
N THR B 83 -8.74 -13.33 7.12
CA THR B 83 -7.53 -12.59 7.49
C THR B 83 -8.05 -11.17 7.87
N PRO B 84 -8.50 -10.99 9.18
CA PRO B 84 -9.16 -9.74 9.54
C PRO B 84 -8.17 -8.59 9.66
N ARG B 85 -8.66 -7.38 9.42
CA ARG B 85 -7.87 -6.18 9.68
C ARG B 85 -8.21 -5.74 11.16
N LEU B 86 -7.26 -5.76 12.09
CA LEU B 86 -7.55 -5.47 13.51
C LEU B 86 -7.95 -3.99 13.67
N THR B 87 -8.84 -3.75 14.63
CA THR B 87 -9.33 -2.41 14.97
C THR B 87 -8.18 -1.42 15.04
N GLY B 88 -8.35 -0.26 14.40
CA GLY B 88 -7.24 0.73 14.43
C GLY B 88 -6.00 0.50 13.62
N HIS B 89 -5.93 -0.59 12.86
CA HIS B 89 -4.77 -0.92 12.05
C HIS B 89 -5.10 -0.69 10.60
N GLY B 90 -4.06 -0.43 9.79
CA GLY B 90 -4.29 -0.11 8.36
C GLY B 90 -5.11 1.18 8.06
N THR B 91 -5.13 2.14 8.99
CA THR B 91 -5.96 3.40 8.85
C THR B 91 -4.99 4.51 9.30
N THR B 92 -4.98 4.88 10.60
CA THR B 92 -3.95 5.77 11.11
C THR B 92 -3.44 5.42 12.50
N PRO B 93 -2.24 5.93 12.81
CA PRO B 93 -1.68 5.76 14.17
C PRO B 93 -2.58 6.36 15.27
N ALA B 94 -3.27 7.47 14.97
CA ALA B 94 -4.23 8.02 15.95
C ALA B 94 -5.38 7.06 16.25
N GLU B 95 -5.96 6.47 15.21
CA GLU B 95 -7.00 5.50 15.47
C GLU B 95 -6.44 4.26 16.26
N MET B 96 -5.27 3.78 15.95
CA MET B 96 -4.71 2.69 16.80
C MET B 96 -4.59 3.14 18.30
N ALA B 97 -4.33 4.44 18.56
CA ALA B 97 -3.98 4.94 19.95
C ALA B 97 -5.16 4.85 20.83
N ALA B 98 -6.33 4.96 20.23
CA ALA B 98 -7.66 4.73 20.81
C ALA B 98 -8.23 3.31 20.78
N SER B 99 -7.48 2.27 20.31
CA SER B 99 -7.97 0.88 20.21
C SER B 99 -7.42 0.05 21.33
N THR B 100 -8.12 -1.02 21.69
CA THR B 100 -7.72 -1.74 22.95
C THR B 100 -7.70 -3.28 22.71
N ALA B 101 -7.23 -4.00 23.72
CA ALA B 101 -7.08 -5.44 23.67
C ALA B 101 -8.44 -6.05 23.63
N SER B 102 -9.42 -5.39 24.28
CA SER B 102 -10.78 -5.72 24.09
C SER B 102 -11.25 -5.68 22.62
N ASP B 103 -10.90 -4.60 21.90
CA ASP B 103 -11.28 -4.48 20.48
C ASP B 103 -10.64 -5.69 19.72
N TRP B 104 -9.35 -5.88 19.95
CA TRP B 104 -8.62 -6.92 19.18
C TRP B 104 -9.09 -8.33 19.48
N THR B 105 -9.37 -8.69 20.74
CA THR B 105 -9.94 -10.01 20.96
C THR B 105 -11.35 -10.14 20.35
N ALA B 106 -12.14 -9.06 20.42
CA ALA B 106 -13.46 -9.06 19.75
C ALA B 106 -13.34 -9.22 18.18
N ASP B 107 -12.27 -8.71 17.61
CA ASP B 107 -12.02 -8.85 16.11
C ASP B 107 -11.76 -10.36 15.86
N ILE B 108 -10.93 -10.99 16.70
CA ILE B 108 -10.73 -12.46 16.63
C ILE B 108 -12.02 -13.27 16.76
N VAL B 109 -12.87 -12.94 17.73
CA VAL B 109 -14.08 -13.70 17.93
C VAL B 109 -15.07 -13.52 16.76
N ALA B 110 -15.13 -12.30 16.23
CA ALA B 110 -15.94 -12.05 15.02
C ALA B 110 -15.45 -12.89 13.81
N ALA B 111 -14.14 -12.99 13.65
CA ALA B 111 -13.56 -13.78 12.58
C ALA B 111 -13.80 -15.23 12.83
N MET B 112 -13.77 -15.68 14.09
CA MET B 112 -14.11 -17.09 14.34
C MET B 112 -15.58 -17.36 13.99
N ARG B 113 -16.45 -16.44 14.34
CA ARG B 113 -17.90 -16.60 14.04
C ARG B 113 -18.14 -16.70 12.54
N TRP B 114 -17.49 -15.84 11.78
CA TRP B 114 -17.56 -15.86 10.30
C TRP B 114 -17.15 -17.26 9.78
N LEU B 115 -16.04 -17.80 10.29
CA LEU B 115 -15.59 -19.12 9.84
C LEU B 115 -16.55 -20.21 10.36
N GLU B 116 -17.06 -20.05 11.56
CA GLU B 116 -17.94 -21.12 12.04
C GLU B 116 -19.19 -21.24 11.20
N GLU B 117 -19.57 -20.18 10.50
CA GLU B 117 -20.80 -20.14 9.70
C GLU B 117 -20.54 -20.93 8.45
N ARG B 118 -19.29 -20.93 8.01
CA ARG B 118 -18.90 -21.52 6.74
C ARG B 118 -18.17 -22.85 6.83
N CYS B 119 -17.82 -23.28 8.02
CA CYS B 119 -16.88 -24.38 8.15
C CYS B 119 -17.21 -25.25 9.34
N ASP B 120 -16.73 -26.48 9.25
CA ASP B 120 -16.84 -27.55 10.22
C ASP B 120 -15.53 -27.63 11.10
N VAL B 121 -14.42 -27.19 10.52
CA VAL B 121 -13.12 -27.36 11.19
C VAL B 121 -12.36 -26.01 11.11
N LEU B 122 -11.71 -25.61 12.19
CA LEU B 122 -11.02 -24.34 12.19
C LEU B 122 -9.59 -24.54 12.62
N PHE B 123 -8.70 -23.83 11.95
CA PHE B 123 -7.32 -23.62 12.34
C PHE B 123 -7.04 -22.13 12.57
N MET B 124 -5.99 -21.83 13.34
CA MET B 124 -5.66 -20.37 13.42
C MET B 124 -4.17 -20.22 13.45
N THR B 125 -3.65 -19.20 12.77
CA THR B 125 -2.23 -18.96 12.77
C THR B 125 -2.10 -17.43 12.88
N GLY B 126 -0.93 -16.95 13.31
CA GLY B 126 -0.76 -15.49 13.25
C GLY B 126 0.66 -15.15 13.68
N LEU B 127 1.04 -13.88 13.42
CA LEU B 127 2.40 -13.38 13.66
C LEU B 127 2.45 -12.40 14.79
N SER B 128 3.33 -12.65 15.76
CA SER B 128 3.66 -11.69 16.87
C SER B 128 2.47 -11.53 17.81
N MET B 129 1.84 -10.34 17.89
CA MET B 129 0.65 -10.26 18.71
C MET B 129 -0.46 -11.20 18.09
N GLY B 130 -0.39 -11.47 16.77
CA GLY B 130 -1.38 -12.30 16.16
C GLY B 130 -1.09 -13.73 16.54
N GLY B 131 0.18 -14.09 16.83
CA GLY B 131 0.47 -15.40 17.37
C GLY B 131 0.02 -15.54 18.83
N ALA B 132 0.08 -14.45 19.60
CA ALA B 132 -0.41 -14.45 20.99
C ALA B 132 -1.93 -14.57 20.99
N LEU B 133 -2.58 -13.95 19.99
CA LEU B 133 -4.03 -14.06 19.84
C LEU B 133 -4.44 -15.49 19.44
N THR B 134 -3.52 -16.17 18.75
CA THR B 134 -3.73 -17.57 18.37
C THR B 134 -3.76 -18.50 19.62
N VAL B 135 -2.72 -18.37 20.46
CA VAL B 135 -2.68 -19.04 21.75
C VAL B 135 -3.88 -18.61 22.61
N TRP B 136 -4.14 -17.28 22.67
CA TRP B 136 -5.32 -16.83 23.38
C TRP B 136 -6.62 -17.50 22.89
N ALA B 137 -6.82 -17.54 21.57
CA ALA B 137 -8.10 -18.12 21.09
C ALA B 137 -8.18 -19.64 21.41
N ALA B 138 -7.03 -20.36 21.35
CA ALA B 138 -7.10 -21.85 21.51
C ALA B 138 -7.18 -22.21 22.99
N GLY B 139 -6.81 -21.27 23.87
CA GLY B 139 -7.07 -21.46 25.32
C GLY B 139 -8.42 -21.02 25.81
N GLN B 140 -8.94 -19.96 25.21
CA GLN B 140 -10.23 -19.39 25.62
C GLN B 140 -11.33 -20.33 25.14
N PHE B 141 -11.13 -20.96 23.96
CA PHE B 141 -12.08 -21.90 23.40
C PHE B 141 -11.41 -23.27 23.15
N PRO B 142 -11.19 -24.02 24.24
CA PRO B 142 -10.27 -25.18 24.14
C PRO B 142 -10.72 -26.25 23.13
N GLU B 143 -11.98 -26.26 22.73
CA GLU B 143 -12.48 -27.37 21.92
C GLU B 143 -12.67 -26.85 20.53
N ARG B 144 -12.52 -25.54 20.30
CA ARG B 144 -12.91 -25.02 18.99
C ARG B 144 -11.97 -25.29 17.78
N PHE B 145 -10.68 -25.40 18.00
CA PHE B 145 -9.66 -25.45 16.90
C PHE B 145 -9.11 -26.87 16.73
N ALA B 146 -9.02 -27.34 15.50
CA ALA B 146 -8.27 -28.60 15.20
C ALA B 146 -6.70 -28.42 15.27
N GLY B 147 -6.20 -27.18 15.21
CA GLY B 147 -4.78 -26.97 15.35
C GLY B 147 -4.48 -25.47 15.31
N ILE B 148 -3.31 -25.08 15.78
CA ILE B 148 -2.82 -23.71 15.68
C ILE B 148 -1.35 -23.64 15.19
N MET B 149 -0.97 -22.54 14.56
CA MET B 149 0.39 -22.34 14.07
C MET B 149 0.86 -20.91 14.44
N PRO B 150 1.16 -20.67 15.72
CA PRO B 150 1.56 -19.31 16.12
C PRO B 150 2.98 -19.05 15.57
N ILE B 151 3.21 -17.86 15.01
CA ILE B 151 4.50 -17.57 14.39
C ILE B 151 5.21 -16.38 15.11
N ASN B 152 6.39 -16.60 15.70
CA ASN B 152 7.05 -15.57 16.50
C ASN B 152 6.07 -14.88 17.47
N ALA B 153 5.31 -15.68 18.22
CA ALA B 153 4.19 -15.18 19.07
C ALA B 153 4.76 -14.30 20.25
N ALA B 154 4.18 -13.11 20.42
CA ALA B 154 4.62 -12.10 21.37
C ALA B 154 3.96 -12.34 22.74
N LEU B 155 4.39 -13.36 23.47
CA LEU B 155 3.79 -13.62 24.80
C LEU B 155 4.51 -12.74 25.80
N ARG B 156 5.83 -12.65 25.64
CA ARG B 156 6.72 -11.94 26.60
C ARG B 156 7.71 -11.04 25.85
N MET B 157 7.47 -9.71 25.84
CA MET B 157 8.38 -8.81 25.17
C MET B 157 9.76 -8.72 25.87
N GLU B 158 9.84 -8.96 27.19
CA GLU B 158 11.14 -8.83 27.92
C GLU B 158 11.90 -7.52 27.70
N SER B 159 11.18 -6.42 27.68
CA SER B 159 11.84 -5.16 27.41
C SER B 159 11.43 -4.17 28.50
N PRO B 160 12.32 -3.99 29.55
CA PRO B 160 12.04 -2.96 30.59
C PRO B 160 11.66 -1.59 29.97
N ASP B 161 12.28 -1.15 28.85
CA ASP B 161 11.94 0.14 28.24
C ASP B 161 10.51 0.21 27.77
N LEU B 162 10.06 -0.89 27.16
CA LEU B 162 8.70 -0.93 26.66
C LEU B 162 7.76 -0.84 27.87
N ALA B 163 8.04 -1.62 28.94
CA ALA B 163 7.20 -1.65 30.13
C ALA B 163 7.13 -0.25 30.80
N ALA B 164 8.22 0.51 30.72
CA ALA B 164 8.22 1.85 31.34
C ALA B 164 7.32 2.81 30.55
N LEU B 165 6.83 2.36 29.39
CA LEU B 165 5.91 3.19 28.58
C LEU B 165 4.45 2.78 28.63
N ALA B 166 4.13 1.67 29.29
CA ALA B 166 2.77 1.21 29.44
C ALA B 166 1.82 2.24 30.16
N PHE B 167 2.21 2.64 31.38
CA PHE B 167 1.45 3.56 32.22
C PHE B 167 2.29 4.80 32.58
N ASN B 168 2.86 5.47 31.59
CA ASN B 168 3.84 6.54 31.86
C ASN B 168 3.14 7.92 31.88
N PRO B 169 3.20 8.61 33.06
CA PRO B 169 2.62 9.99 33.21
C PRO B 169 3.07 10.93 32.08
N ASP B 170 4.38 10.99 31.86
CA ASP B 170 4.96 11.96 30.96
C ASP B 170 5.68 11.33 29.79
N ALA B 171 4.91 10.75 28.88
CA ALA B 171 5.50 10.16 27.68
C ALA B 171 4.94 10.75 26.38
N PRO B 172 5.77 10.76 25.33
CA PRO B 172 5.33 11.24 23.99
C PRO B 172 4.18 10.39 23.50
N ALA B 173 3.33 10.95 22.65
CA ALA B 173 2.22 10.20 22.12
C ALA B 173 2.71 9.01 21.21
N GLU B 174 3.93 9.14 20.64
CA GLU B 174 4.49 8.20 19.66
C GLU B 174 5.99 7.99 19.74
N LEU B 175 6.43 6.80 19.42
CA LEU B 175 7.84 6.52 19.15
C LEU B 175 8.03 6.04 17.67
N PRO B 176 9.27 6.13 17.14
CA PRO B 176 9.82 5.36 16.01
C PRO B 176 9.28 3.94 15.87
N GLY B 177 8.92 3.55 14.63
CA GLY B 177 8.15 2.31 14.32
C GLY B 177 8.89 0.99 14.49
N ILE B 178 8.15 -0.10 14.75
CA ILE B 178 8.76 -1.44 14.81
C ILE B 178 8.74 -2.27 13.48
N GLY B 179 8.20 -1.71 12.37
CA GLY B 179 8.20 -2.41 11.06
C GLY B 179 9.55 -2.89 10.43
N SER B 180 9.48 -4.06 9.77
CA SER B 180 10.52 -4.60 8.87
C SER B 180 11.86 -5.15 9.43
N ASP B 181 11.84 -5.89 10.55
CA ASP B 181 12.94 -6.75 10.89
C ASP B 181 12.77 -7.97 9.95
N ILE B 182 13.37 -7.84 8.75
CA ILE B 182 13.31 -8.81 7.67
C ILE B 182 14.75 -9.01 7.19
N LYS B 183 15.17 -10.26 7.11
CA LYS B 183 16.51 -10.55 6.67
C LYS B 183 16.69 -10.32 5.14
N ALA B 184 15.72 -10.75 4.34
CA ALA B 184 15.76 -10.59 2.87
C ALA B 184 15.81 -9.11 2.47
N GLU B 185 16.72 -8.84 1.53
CA GLU B 185 17.03 -7.51 1.08
C GLU B 185 15.88 -6.87 0.40
N GLY B 186 15.64 -5.60 0.71
CA GLY B 186 14.70 -4.82 -0.09
C GLY B 186 13.22 -5.13 0.13
N VAL B 187 12.90 -6.17 0.90
CA VAL B 187 11.50 -6.53 1.18
C VAL B 187 10.85 -5.51 2.16
N LYS B 188 9.68 -4.97 1.83
CA LYS B 188 9.06 -3.95 2.64
C LYS B 188 7.73 -4.46 3.28
N GLU B 189 7.47 -4.12 4.54
CA GLU B 189 6.12 -4.33 5.12
C GLU B 189 5.25 -3.06 5.17
N LEU B 190 3.94 -3.17 4.91
CA LEU B 190 3.00 -2.11 5.24
C LEU B 190 2.58 -2.15 6.74
N ALA B 191 3.30 -1.38 7.54
CA ALA B 191 3.11 -1.26 9.00
C ALA B 191 3.21 0.22 9.37
N TYR B 192 2.48 0.71 10.37
CA TYR B 192 2.65 2.11 10.80
C TYR B 192 4.13 2.49 10.97
N PRO B 193 4.53 3.69 10.51
CA PRO B 193 5.97 4.14 10.68
C PRO B 193 6.31 4.52 12.15
N VAL B 194 5.27 4.62 12.98
CA VAL B 194 5.37 4.96 14.41
C VAL B 194 4.61 3.94 15.31
N THR B 195 5.03 3.86 16.56
CA THR B 195 4.34 3.11 17.62
C THR B 195 3.49 4.06 18.50
N PRO B 196 2.13 3.90 18.53
CA PRO B 196 1.36 4.77 19.43
C PRO B 196 1.46 4.32 20.92
N VAL B 197 1.91 5.24 21.77
CA VAL B 197 2.25 4.89 23.14
C VAL B 197 1.03 4.35 23.94
N PRO B 198 -0.18 4.97 23.82
CA PRO B 198 -1.30 4.40 24.59
C PRO B 198 -1.66 2.92 24.29
N ALA B 199 -1.42 2.47 23.04
CA ALA B 199 -1.62 1.05 22.64
C ALA B 199 -0.69 0.06 23.33
N ILE B 200 0.45 0.52 23.84
CA ILE B 200 1.46 -0.41 24.42
C ILE B 200 0.96 -1.31 25.58
N LYS B 201 0.13 -0.76 26.43
CA LYS B 201 -0.36 -1.60 27.52
C LYS B 201 -1.14 -2.83 26.93
N HIS B 202 -1.83 -2.59 25.84
CA HIS B 202 -2.69 -3.61 25.27
C HIS B 202 -1.93 -4.79 24.69
N LEU B 203 -0.80 -4.50 24.02
CA LEU B 203 0.12 -5.52 23.53
C LEU B 203 0.58 -6.40 24.70
N ILE B 204 0.99 -5.73 25.79
CA ILE B 204 1.47 -6.48 26.96
C ILE B 204 0.33 -7.35 27.55
N THR B 205 -0.84 -6.78 27.62
CA THR B 205 -1.94 -7.51 28.26
C THR B 205 -2.23 -8.83 27.49
N ILE B 206 -2.31 -8.78 26.14
CA ILE B 206 -2.75 -9.92 25.40
C ILE B 206 -1.67 -11.01 25.51
N GLY B 207 -0.42 -10.61 25.50
CA GLY B 207 0.65 -11.56 25.73
C GLY B 207 0.51 -12.30 27.07
N ALA B 208 0.22 -11.54 28.13
CA ALA B 208 0.20 -12.19 29.48
C ALA B 208 -1.03 -13.11 29.61
N VAL B 209 -2.18 -12.70 29.02
CA VAL B 209 -3.39 -13.53 29.13
C VAL B 209 -3.13 -14.82 28.36
N ALA B 210 -2.56 -14.70 27.13
CA ALA B 210 -2.21 -15.88 26.32
C ALA B 210 -1.31 -16.81 27.07
N GLU B 211 -0.23 -16.26 27.66
CA GLU B 211 0.67 -17.07 28.45
C GLU B 211 -0.07 -17.78 29.62
N MET B 212 -0.95 -17.09 30.29
CA MET B 212 -1.62 -17.74 31.47
C MET B 212 -2.61 -18.84 31.01
N LEU B 213 -3.11 -18.69 29.76
CA LEU B 213 -4.00 -19.71 29.20
C LEU B 213 -3.27 -20.97 28.61
N LEU B 214 -1.91 -20.97 28.53
CA LEU B 214 -1.17 -22.05 27.89
C LEU B 214 -1.62 -23.45 28.28
N PRO B 215 -1.88 -23.70 29.60
CA PRO B 215 -2.19 -25.14 29.97
C PRO B 215 -3.56 -25.56 29.50
N ARG B 216 -4.42 -24.59 29.24
CA ARG B 216 -5.70 -24.94 28.65
C ARG B 216 -5.65 -25.25 27.14
N VAL B 217 -4.54 -24.89 26.49
CA VAL B 217 -4.44 -25.19 25.05
C VAL B 217 -4.22 -26.67 24.88
N LYS B 218 -5.12 -27.39 24.19
CA LYS B 218 -4.84 -28.82 24.00
C LYS B 218 -4.82 -29.24 22.50
N CYS B 219 -5.16 -28.33 21.57
CA CYS B 219 -5.13 -28.76 20.15
C CYS B 219 -3.67 -28.98 19.67
N PRO B 220 -3.50 -29.80 18.59
CA PRO B 220 -2.15 -29.93 17.96
C PRO B 220 -1.54 -28.56 17.72
N ALA B 221 -0.22 -28.40 17.85
CA ALA B 221 0.39 -27.07 17.66
C ALA B 221 1.69 -27.16 16.83
N LEU B 222 1.83 -26.30 15.83
CA LEU B 222 3.08 -26.19 15.09
C LEU B 222 3.56 -24.79 15.44
N ILE B 223 4.57 -24.73 16.29
CA ILE B 223 5.08 -23.45 16.82
C ILE B 223 6.24 -23.01 15.96
N ILE B 224 6.10 -21.88 15.28
CA ILE B 224 7.09 -21.52 14.32
C ILE B 224 7.82 -20.33 14.87
N GLN B 225 9.14 -20.40 14.96
CA GLN B 225 9.92 -19.27 15.62
C GLN B 225 11.24 -19.02 14.86
N SER B 226 11.52 -17.77 14.57
CA SER B 226 12.77 -17.38 13.96
C SER B 226 13.90 -17.53 15.00
N ARG B 227 14.98 -18.22 14.60
CA ARG B 227 16.17 -18.41 15.51
C ARG B 227 16.80 -17.10 15.95
N GLU B 228 16.72 -16.07 15.09
CA GLU B 228 17.19 -14.73 15.39
C GLU B 228 16.04 -13.78 15.09
N ASP B 229 15.65 -12.97 16.08
CA ASP B 229 14.49 -12.12 15.94
C ASP B 229 14.85 -10.90 16.78
N HIS B 230 14.84 -9.72 16.18
CA HIS B 230 15.25 -8.49 16.88
C HIS B 230 14.04 -7.73 17.48
N VAL B 231 12.85 -8.35 17.52
CA VAL B 231 11.65 -7.68 18.01
C VAL B 231 11.04 -8.51 19.16
N VAL B 232 10.82 -9.80 18.92
CA VAL B 232 10.24 -10.66 19.90
C VAL B 232 11.27 -11.70 20.25
N PRO B 233 11.57 -11.87 21.52
CA PRO B 233 12.58 -12.87 21.99
C PRO B 233 12.30 -14.30 21.48
N PRO B 234 13.29 -14.95 20.81
CA PRO B 234 13.06 -16.24 20.26
C PRO B 234 12.64 -17.27 21.38
N HIS B 235 13.03 -17.01 22.60
CA HIS B 235 12.63 -17.84 23.74
C HIS B 235 11.07 -18.11 23.82
N ASN B 236 10.29 -17.19 23.26
CA ASN B 236 8.84 -17.33 23.25
C ASN B 236 8.47 -18.68 22.66
N GLY B 237 9.22 -19.14 21.62
CA GLY B 237 8.94 -20.44 21.02
C GLY B 237 8.99 -21.58 22.03
N GLU B 238 10.02 -21.57 22.89
CA GLU B 238 10.15 -22.55 23.97
C GLU B 238 9.09 -22.43 25.12
N LEU B 239 8.80 -21.20 25.49
CA LEU B 239 7.78 -20.87 26.48
C LEU B 239 6.47 -21.59 26.07
N ILE B 240 6.09 -21.42 24.81
CA ILE B 240 4.90 -22.09 24.30
C ILE B 240 5.07 -23.62 24.24
N TYR B 241 6.17 -24.13 23.66
CA TYR B 241 6.31 -25.56 23.49
C TYR B 241 6.27 -26.26 24.91
N ASN B 242 6.89 -25.65 25.91
CA ASN B 242 6.93 -26.27 27.26
C ASN B 242 5.67 -26.01 28.09
N GLY B 243 4.96 -24.93 27.77
CA GLY B 243 3.83 -24.49 28.57
C GLY B 243 2.47 -25.07 28.09
N ILE B 244 2.29 -25.36 26.82
CA ILE B 244 0.93 -25.83 26.39
C ILE B 244 0.59 -27.20 26.94
N GLY B 245 -0.72 -27.52 27.00
CA GLY B 245 -1.19 -28.84 27.43
C GLY B 245 -1.20 -29.80 26.25
N SER B 246 -1.09 -29.32 25.02
CA SER B 246 -1.22 -30.21 23.85
C SER B 246 -0.35 -31.47 23.88
N THR B 247 -0.88 -32.65 23.52
CA THR B 247 0.00 -33.79 23.32
C THR B 247 0.66 -33.77 21.93
N GLU B 248 0.01 -33.23 20.89
CA GLU B 248 0.68 -33.10 19.55
C GLU B 248 1.32 -31.73 19.41
N LYS B 249 2.67 -31.68 19.34
CA LYS B 249 3.32 -30.38 19.30
C LYS B 249 4.69 -30.40 18.64
N GLU B 250 5.01 -29.34 17.92
CA GLU B 250 6.23 -29.29 17.20
C GLU B 250 6.78 -27.87 17.24
N LEU B 251 8.07 -27.77 17.48
CA LEU B 251 8.72 -26.48 17.36
C LEU B 251 9.58 -26.41 16.03
N LEU B 252 9.19 -25.53 15.11
CA LEU B 252 9.94 -25.28 13.90
C LEU B 252 10.80 -24.00 13.95
N TRP B 253 12.15 -24.17 13.98
CA TRP B 253 13.10 -23.07 14.04
C TRP B 253 13.34 -22.58 12.64
N LEU B 254 13.20 -21.29 12.35
CA LEU B 254 13.57 -20.80 11.03
C LEU B 254 15.02 -20.22 11.06
N GLU B 255 15.84 -20.64 10.08
CA GLU B 255 17.28 -20.33 9.98
C GLU B 255 17.66 -19.10 9.09
N ASN B 256 16.74 -18.65 8.29
CA ASN B 256 17.00 -17.56 7.37
C ASN B 256 16.09 -16.42 7.48
N SER B 257 15.35 -16.28 8.60
CA SER B 257 14.43 -15.14 8.70
C SER B 257 14.62 -14.48 10.04
N TYR B 258 14.27 -13.23 10.06
CA TYR B 258 14.19 -12.51 11.31
C TYR B 258 12.68 -12.43 11.61
N HIS B 259 12.22 -11.28 12.07
CA HIS B 259 10.98 -11.30 12.80
C HIS B 259 9.73 -11.48 11.94
N VAL B 260 9.69 -10.80 10.81
CA VAL B 260 8.50 -10.74 9.95
C VAL B 260 8.60 -11.87 8.95
N ALA B 261 8.56 -13.10 9.46
CA ALA B 261 9.08 -14.23 8.76
C ALA B 261 8.12 -14.56 7.60
N THR B 262 6.86 -14.11 7.71
CA THR B 262 5.84 -14.45 6.70
C THR B 262 6.11 -13.70 5.37
N LEU B 263 7.06 -12.75 5.38
CA LEU B 263 7.45 -11.93 4.22
C LEU B 263 8.96 -12.15 3.90
N ASP B 264 9.62 -13.08 4.63
CA ASP B 264 11.07 -13.23 4.61
C ASP B 264 11.52 -14.51 3.81
N ASN B 265 12.83 -14.81 3.87
CA ASN B 265 13.38 -16.01 3.15
C ASN B 265 12.59 -17.27 3.38
N ASP B 266 12.03 -17.46 4.59
CA ASP B 266 11.41 -18.74 4.89
C ASP B 266 9.91 -18.77 4.68
N LYS B 267 9.35 -17.77 4.01
CA LYS B 267 7.92 -17.73 3.85
C LYS B 267 7.34 -18.97 3.13
N GLU B 268 8.08 -19.54 2.15
CA GLU B 268 7.53 -20.67 1.34
C GLU B 268 7.55 -21.92 2.22
N LEU B 269 8.62 -22.07 2.99
CA LEU B 269 8.68 -23.12 4.01
C LEU B 269 7.48 -23.01 5.06
N ILE B 270 7.19 -21.82 5.52
CA ILE B 270 6.11 -21.64 6.49
C ILE B 270 4.75 -22.05 5.83
N LEU B 271 4.54 -21.62 4.58
CA LEU B 271 3.26 -21.88 3.91
C LEU B 271 3.16 -23.41 3.74
N GLU B 272 4.19 -24.02 3.14
CA GLU B 272 4.16 -25.48 2.86
C GLU B 272 4.06 -26.31 4.12
N ARG B 273 4.82 -25.97 5.14
CA ARG B 273 4.67 -26.74 6.39
C ARG B 273 3.34 -26.59 7.12
N SER B 274 2.73 -25.40 6.96
CA SER B 274 1.50 -25.06 7.65
C SER B 274 0.42 -25.78 6.87
N LEU B 275 0.51 -25.81 5.51
CA LEU B 275 -0.41 -26.68 4.69
C LEU B 275 -0.34 -28.17 5.07
N ALA B 276 0.90 -28.69 5.26
CA ALA B 276 1.06 -30.12 5.64
C ALA B 276 0.41 -30.31 7.02
N PHE B 277 0.58 -29.36 7.91
CA PHE B 277 0.07 -29.54 9.27
C PHE B 277 -1.48 -29.54 9.26
N ILE B 278 -2.10 -28.68 8.46
CA ILE B 278 -3.56 -28.64 8.38
C ILE B 278 -4.04 -29.94 7.80
N ARG B 279 -3.39 -30.47 6.72
CA ARG B 279 -3.84 -31.76 6.11
C ARG B 279 -3.71 -32.97 7.03
N LYS B 280 -2.72 -32.94 7.92
CA LYS B 280 -2.52 -34.04 8.79
C LYS B 280 -3.25 -33.91 10.12
N HIS B 281 -4.02 -32.86 10.38
CA HIS B 281 -4.73 -32.79 11.67
C HIS B 281 -6.20 -32.50 11.58
N LEU C 36 13.10 -5.98 -9.09
CA LEU C 36 12.69 -4.89 -8.12
C LEU C 36 11.61 -5.43 -7.18
N GLN C 37 11.36 -4.74 -6.07
CA GLN C 37 10.22 -5.09 -5.23
C GLN C 37 8.91 -4.41 -5.71
N VAL C 38 7.82 -5.18 -5.76
CA VAL C 38 6.49 -4.63 -6.05
C VAL C 38 6.01 -3.94 -4.79
N LEU C 39 5.52 -2.69 -4.90
CA LEU C 39 4.90 -2.00 -3.82
C LEU C 39 3.72 -2.79 -3.18
N PRO C 40 3.60 -2.72 -1.84
CA PRO C 40 2.43 -3.33 -1.12
C PRO C 40 1.14 -2.85 -1.72
N GLY C 41 0.26 -3.75 -2.11
CA GLY C 41 -1.06 -3.31 -2.68
C GLY C 41 -1.15 -3.27 -4.23
N ALA C 42 -0.01 -3.50 -4.90
CA ALA C 42 0.13 -3.29 -6.36
C ALA C 42 0.33 -4.63 -7.06
N GLU C 43 0.07 -5.69 -6.31
N GLU C 43 0.15 -5.72 -6.31
CA GLU C 43 0.19 -7.04 -6.85
CA GLU C 43 0.32 -7.03 -6.92
C GLU C 43 -0.91 -7.29 -7.94
C GLU C 43 -0.85 -7.28 -7.93
N PRO C 44 -0.57 -8.06 -8.99
CA PRO C 44 -1.54 -8.42 -10.02
C PRO C 44 -2.57 -9.35 -9.37
N LEU C 45 -3.69 -9.59 -10.03
CA LEU C 45 -4.68 -10.58 -9.57
C LEU C 45 -4.96 -11.55 -10.71
N TYR C 46 -4.71 -12.84 -10.48
CA TYR C 46 -4.94 -13.93 -11.40
C TYR C 46 -5.87 -14.87 -10.61
N SER C 47 -6.95 -15.33 -11.23
CA SER C 47 -7.90 -16.20 -10.51
C SER C 47 -8.42 -17.16 -11.57
N VAL C 48 -8.31 -18.47 -11.33
CA VAL C 48 -8.75 -19.40 -12.36
C VAL C 48 -10.18 -19.87 -12.01
N GLY C 49 -11.09 -19.90 -12.99
CA GLY C 49 -12.52 -20.19 -12.69
C GLY C 49 -13.09 -20.95 -13.89
N SER C 50 -14.18 -20.46 -14.47
CA SER C 50 -14.75 -21.09 -15.70
C SER C 50 -14.06 -20.83 -17.00
N ARG C 51 -14.67 -21.42 -17.99
CA ARG C 51 -14.32 -21.33 -19.36
C ARG C 51 -14.55 -19.91 -19.94
N ILE C 52 -15.16 -19.03 -19.18
CA ILE C 52 -15.29 -17.62 -19.66
C ILE C 52 -14.28 -16.74 -18.88
N GLY C 53 -13.44 -15.98 -19.58
CA GLY C 53 -12.39 -15.20 -18.85
C GLY C 53 -12.43 -13.68 -19.12
N VAL C 54 -11.90 -12.89 -18.19
CA VAL C 54 -11.93 -11.41 -18.30
C VAL C 54 -10.51 -10.91 -18.09
N LEU C 55 -10.03 -10.06 -19.02
CA LEU C 55 -8.73 -9.44 -18.92
C LEU C 55 -9.04 -8.04 -18.40
N VAL C 56 -8.39 -7.65 -17.29
CA VAL C 56 -8.64 -6.37 -16.66
C VAL C 56 -7.40 -5.51 -16.62
N SER C 57 -7.44 -4.33 -17.27
CA SER C 57 -6.18 -3.58 -17.41
C SER C 57 -6.22 -2.24 -16.65
N HIS C 58 -5.26 -1.96 -15.78
CA HIS C 58 -5.17 -0.61 -15.18
C HIS C 58 -4.51 0.42 -16.18
N GLY C 59 -4.30 1.67 -15.73
CA GLY C 59 -3.80 2.71 -16.64
C GLY C 59 -2.42 3.24 -16.24
N PHE C 60 -2.05 4.35 -16.91
CA PHE C 60 -0.68 4.94 -16.94
C PHE C 60 -0.40 5.57 -15.56
N THR C 61 0.73 5.23 -14.96
CA THR C 61 1.17 5.51 -13.57
C THR C 61 0.29 4.86 -12.50
N GLY C 62 -0.70 4.08 -12.90
CA GLY C 62 -1.52 3.39 -11.90
C GLY C 62 -1.03 1.99 -11.67
N SER C 63 -1.93 1.16 -11.12
CA SER C 63 -1.52 -0.22 -10.76
C SER C 63 -2.80 -1.07 -10.59
N PRO C 64 -2.66 -2.40 -10.47
CA PRO C 64 -3.92 -3.20 -10.32
C PRO C 64 -4.81 -2.79 -9.15
N GLN C 65 -4.25 -2.08 -8.15
CA GLN C 65 -5.12 -1.72 -7.05
C GLN C 65 -6.30 -0.92 -7.50
N SER C 66 -6.17 -0.13 -8.57
CA SER C 66 -7.34 0.70 -8.88
C SER C 66 -8.45 -0.15 -9.52
N MET C 67 -8.08 -1.37 -9.96
CA MET C 67 -9.01 -2.27 -10.67
C MET C 67 -9.44 -3.45 -9.72
N ARG C 68 -8.90 -3.51 -8.49
CA ARG C 68 -9.08 -4.67 -7.60
C ARG C 68 -10.56 -4.99 -7.24
N PHE C 69 -11.32 -3.98 -6.86
CA PHE C 69 -12.78 -4.11 -6.62
C PHE C 69 -13.51 -4.78 -7.81
N LEU C 70 -13.16 -4.42 -9.05
CA LEU C 70 -13.83 -4.93 -10.18
C LEU C 70 -13.42 -6.33 -10.43
N ALA C 71 -12.11 -6.55 -10.35
CA ALA C 71 -11.52 -7.80 -10.67
C ALA C 71 -12.00 -8.86 -9.68
N GLU C 72 -12.02 -8.53 -8.38
CA GLU C 72 -12.51 -9.50 -7.37
C GLU C 72 -13.98 -9.84 -7.62
N GLY C 73 -14.81 -8.82 -7.87
CA GLY C 73 -16.15 -9.05 -8.35
C GLY C 73 -16.30 -10.09 -9.45
N PHE C 74 -15.52 -10.01 -10.56
CA PHE C 74 -15.62 -10.99 -11.60
C PHE C 74 -15.13 -12.35 -11.09
N ALA C 75 -14.05 -12.38 -10.29
CA ALA C 75 -13.61 -13.68 -9.75
C ALA C 75 -14.68 -14.35 -8.78
N ARG C 76 -15.29 -13.60 -7.89
CA ARG C 76 -16.39 -14.14 -7.08
C ARG C 76 -17.55 -14.61 -7.91
N ALA C 77 -17.74 -14.07 -9.11
CA ALA C 77 -18.83 -14.56 -9.92
C ALA C 77 -18.41 -15.84 -10.62
N GLY C 78 -17.14 -16.25 -10.51
CA GLY C 78 -16.78 -17.56 -11.08
C GLY C 78 -15.97 -17.51 -12.34
N TYR C 79 -15.80 -16.32 -12.92
CA TYR C 79 -15.00 -16.16 -14.18
C TYR C 79 -13.49 -16.37 -13.92
N THR C 80 -12.74 -16.87 -14.89
CA THR C 80 -11.26 -16.74 -14.90
C THR C 80 -10.91 -15.24 -15.14
N VAL C 81 -9.92 -14.72 -14.39
CA VAL C 81 -9.60 -13.28 -14.30
C VAL C 81 -8.08 -13.10 -14.42
N ALA C 82 -7.64 -12.25 -15.35
CA ALA C 82 -6.22 -11.78 -15.40
C ALA C 82 -6.24 -10.25 -15.27
N THR C 83 -5.62 -9.74 -14.19
CA THR C 83 -5.50 -8.33 -13.94
C THR C 83 -3.99 -8.09 -13.86
N PRO C 84 -3.32 -7.84 -14.99
CA PRO C 84 -1.84 -7.74 -14.97
C PRO C 84 -1.30 -6.46 -14.36
N ARG C 85 -0.04 -6.52 -13.95
CA ARG C 85 0.69 -5.36 -13.47
C ARG C 85 1.49 -4.91 -14.72
N LEU C 86 1.18 -3.73 -15.28
CA LEU C 86 1.98 -3.34 -16.49
C LEU C 86 3.46 -3.14 -16.19
N THR C 87 4.32 -3.40 -17.16
CA THR C 87 5.75 -3.17 -17.05
C THR C 87 6.08 -1.77 -16.47
N GLY C 88 7.00 -1.72 -15.50
CA GLY C 88 7.36 -0.44 -14.95
C GLY C 88 6.40 0.18 -13.98
N HIS C 89 5.24 -0.49 -13.75
CA HIS C 89 4.21 0.02 -12.80
C HIS C 89 4.19 -0.74 -11.44
N GLY C 90 3.76 -0.01 -10.40
CA GLY C 90 3.78 -0.53 -8.99
C GLY C 90 5.17 -0.99 -8.52
N THR C 91 6.25 -0.42 -9.10
CA THR C 91 7.69 -0.63 -8.65
C THR C 91 8.27 0.79 -8.35
N THR C 92 8.90 1.44 -9.34
CA THR C 92 9.37 2.80 -9.11
C THR C 92 9.14 3.64 -10.35
N PRO C 93 9.01 4.99 -10.18
CA PRO C 93 8.84 5.84 -11.34
C PRO C 93 10.03 5.72 -12.29
N ALA C 94 11.24 5.48 -11.76
CA ALA C 94 12.43 5.20 -12.63
C ALA C 94 12.28 3.98 -13.56
N GLU C 95 11.73 2.89 -13.03
CA GLU C 95 11.47 1.76 -13.92
C GLU C 95 10.37 2.07 -15.02
N MET C 96 9.33 2.79 -14.63
CA MET C 96 8.35 3.26 -15.61
C MET C 96 8.94 4.20 -16.76
N ALA C 97 9.95 5.02 -16.40
CA ALA C 97 10.65 5.92 -17.35
C ALA C 97 11.30 5.11 -18.43
N ALA C 98 11.74 3.88 -18.10
CA ALA C 98 12.38 2.99 -19.07
C ALA C 98 11.41 2.03 -19.83
N SER C 99 10.09 2.19 -19.65
CA SER C 99 9.08 1.25 -20.16
C SER C 99 8.38 1.88 -21.33
N THR C 100 7.96 1.06 -22.28
CA THR C 100 7.41 1.59 -23.48
C THR C 100 5.97 1.03 -23.83
N ALA C 101 5.37 1.62 -24.87
CA ALA C 101 4.16 1.03 -25.47
C ALA C 101 4.36 -0.38 -26.05
N SER C 102 5.54 -0.74 -26.59
CA SER C 102 5.80 -2.13 -26.95
C SER C 102 5.69 -3.05 -25.72
N ASP C 103 6.29 -2.66 -24.61
CA ASP C 103 6.14 -3.41 -23.35
C ASP C 103 4.65 -3.58 -23.02
N TRP C 104 3.86 -2.52 -23.02
CA TRP C 104 2.52 -2.62 -22.49
C TRP C 104 1.58 -3.42 -23.37
N THR C 105 1.75 -3.32 -24.67
CA THR C 105 0.91 -4.12 -25.56
C THR C 105 1.35 -5.60 -25.44
N ALA C 106 2.66 -5.84 -25.28
CA ALA C 106 3.12 -7.21 -25.04
C ALA C 106 2.57 -7.74 -23.70
N ASP C 107 2.36 -6.87 -22.70
CA ASP C 107 1.78 -7.36 -21.45
C ASP C 107 0.34 -7.83 -21.69
N ILE C 108 -0.41 -7.08 -22.49
CA ILE C 108 -1.81 -7.43 -22.81
C ILE C 108 -1.88 -8.71 -23.64
N VAL C 109 -0.94 -8.88 -24.60
CA VAL C 109 -0.80 -10.10 -25.36
C VAL C 109 -0.51 -11.31 -24.44
N ALA C 110 0.44 -11.23 -23.51
CA ALA C 110 0.69 -12.36 -22.60
C ALA C 110 -0.53 -12.65 -21.69
N ALA C 111 -1.24 -11.65 -21.22
CA ALA C 111 -2.46 -11.91 -20.39
C ALA C 111 -3.54 -12.61 -21.25
N MET C 112 -3.61 -12.20 -22.52
CA MET C 112 -4.56 -12.84 -23.49
C MET C 112 -4.13 -14.27 -23.68
N ARG C 113 -2.83 -14.53 -23.79
CA ARG C 113 -2.39 -15.92 -23.96
C ARG C 113 -2.68 -16.77 -22.71
N TRP C 114 -2.55 -16.17 -21.53
CA TRP C 114 -2.77 -16.88 -20.25
C TRP C 114 -4.27 -17.26 -20.15
N LEU C 115 -5.14 -16.32 -20.56
CA LEU C 115 -6.58 -16.56 -20.54
C LEU C 115 -6.97 -17.59 -21.57
N GLU C 116 -6.37 -17.59 -22.74
CA GLU C 116 -6.72 -18.54 -23.77
C GLU C 116 -6.31 -19.99 -23.42
N GLU C 117 -5.21 -20.17 -22.72
CA GLU C 117 -4.93 -21.47 -22.09
C GLU C 117 -6.06 -22.02 -21.21
N ARG C 118 -6.73 -21.18 -20.44
CA ARG C 118 -7.75 -21.54 -19.52
C ARG C 118 -9.26 -21.34 -19.91
N CYS C 119 -9.54 -20.79 -21.09
CA CYS C 119 -10.86 -20.21 -21.42
C CYS C 119 -11.17 -20.34 -22.86
N ASP C 120 -12.47 -20.44 -23.14
CA ASP C 120 -13.00 -20.45 -24.51
C ASP C 120 -13.49 -19.08 -25.01
N VAL C 121 -13.87 -18.21 -24.10
CA VAL C 121 -14.52 -16.91 -24.41
C VAL C 121 -13.73 -15.86 -23.63
N LEU C 122 -13.44 -14.70 -24.24
CA LEU C 122 -12.70 -13.67 -23.53
C LEU C 122 -13.44 -12.37 -23.56
N PHE C 123 -13.38 -11.61 -22.45
CA PHE C 123 -13.78 -10.19 -22.46
C PHE C 123 -12.59 -9.32 -22.02
N MET C 124 -12.65 -8.01 -22.27
CA MET C 124 -11.60 -7.17 -21.75
C MET C 124 -12.23 -5.86 -21.33
N THR C 125 -11.71 -5.31 -20.25
CA THR C 125 -12.16 -4.07 -19.72
C THR C 125 -10.91 -3.35 -19.27
N GLY C 126 -11.01 -2.05 -19.04
CA GLY C 126 -9.80 -1.41 -18.51
C GLY C 126 -10.08 0.04 -18.30
N LEU C 127 -9.21 0.70 -17.54
CA LEU C 127 -9.44 2.11 -17.17
C LEU C 127 -8.37 3.01 -17.85
N SER C 128 -8.83 4.11 -18.48
CA SER C 128 -7.87 5.15 -19.04
C SER C 128 -6.94 4.58 -20.10
N MET C 129 -5.62 4.52 -19.88
CA MET C 129 -4.77 3.86 -20.90
C MET C 129 -5.17 2.39 -21.01
N GLY C 130 -5.67 1.81 -19.88
CA GLY C 130 -6.11 0.37 -19.95
C GLY C 130 -7.38 0.26 -20.76
N GLY C 131 -8.16 1.33 -20.80
CA GLY C 131 -9.34 1.28 -21.66
C GLY C 131 -8.98 1.56 -23.14
N ALA C 132 -7.88 2.27 -23.37
CA ALA C 132 -7.37 2.45 -24.77
C ALA C 132 -6.74 1.13 -25.24
N LEU C 133 -6.06 0.43 -24.31
CA LEU C 133 -5.59 -0.89 -24.57
C LEU C 133 -6.68 -1.95 -24.88
N THR C 134 -7.84 -1.80 -24.24
CA THR C 134 -8.99 -2.64 -24.45
C THR C 134 -9.46 -2.41 -25.92
N VAL C 135 -9.58 -1.14 -26.32
CA VAL C 135 -9.91 -0.78 -27.71
C VAL C 135 -8.83 -1.28 -28.64
N TRP C 136 -7.56 -1.14 -28.28
CA TRP C 136 -6.50 -1.62 -29.16
C TRP C 136 -6.62 -3.12 -29.33
N ALA C 137 -6.86 -3.87 -28.25
CA ALA C 137 -6.82 -5.35 -28.46
C ALA C 137 -8.06 -5.86 -29.27
N ALA C 138 -9.23 -5.26 -29.09
CA ALA C 138 -10.41 -5.62 -29.84
C ALA C 138 -10.31 -5.25 -31.36
N GLY C 139 -9.51 -4.21 -31.68
CA GLY C 139 -9.23 -3.79 -33.09
C GLY C 139 -8.10 -4.60 -33.72
N GLN C 140 -7.17 -5.00 -32.89
CA GLN C 140 -5.95 -5.71 -33.31
C GLN C 140 -6.26 -7.17 -33.57
N PHE C 141 -7.19 -7.73 -32.76
CA PHE C 141 -7.59 -9.19 -32.84
C PHE C 141 -9.11 -9.20 -32.91
N PRO C 142 -9.65 -8.84 -34.05
CA PRO C 142 -11.05 -8.52 -34.12
C PRO C 142 -12.04 -9.67 -33.86
N GLU C 143 -11.60 -10.92 -33.88
CA GLU C 143 -12.53 -12.02 -33.67
C GLU C 143 -12.29 -12.58 -32.29
N ARG C 144 -11.39 -12.01 -31.51
CA ARG C 144 -10.94 -12.77 -30.42
C ARG C 144 -11.86 -12.56 -29.18
N PHE C 145 -12.44 -11.37 -29.06
CA PHE C 145 -13.19 -11.02 -27.85
C PHE C 145 -14.67 -11.18 -28.06
N ALA C 146 -15.36 -11.70 -27.07
CA ALA C 146 -16.87 -11.68 -27.11
C ALA C 146 -17.46 -10.29 -26.70
N GLY C 147 -16.68 -9.43 -26.10
CA GLY C 147 -17.19 -8.13 -25.65
C GLY C 147 -16.11 -7.31 -24.97
N ILE C 148 -16.26 -5.98 -24.97
CA ILE C 148 -15.28 -5.15 -24.27
C ILE C 148 -16.06 -4.08 -23.45
N MET C 149 -15.41 -3.59 -22.38
CA MET C 149 -15.98 -2.55 -21.52
C MET C 149 -14.88 -1.49 -21.24
N PRO C 150 -14.52 -0.66 -22.22
CA PRO C 150 -13.58 0.41 -21.88
C PRO C 150 -14.20 1.47 -20.92
N ILE C 151 -13.44 1.85 -19.92
CA ILE C 151 -13.87 2.77 -18.90
C ILE C 151 -12.99 4.03 -18.96
N ASN C 152 -13.61 5.18 -19.23
CA ASN C 152 -12.86 6.45 -19.36
C ASN C 152 -11.57 6.35 -20.23
N ALA C 153 -11.70 5.70 -21.39
CA ALA C 153 -10.57 5.26 -22.18
C ALA C 153 -9.81 6.48 -22.75
N ALA C 154 -8.48 6.46 -22.62
CA ALA C 154 -7.62 7.62 -22.93
C ALA C 154 -7.10 7.56 -24.41
N LEU C 155 -8.02 7.70 -25.33
CA LEU C 155 -7.63 7.73 -26.81
C LEU C 155 -7.04 9.10 -27.21
N ARG C 156 -7.67 10.18 -26.72
CA ARG C 156 -7.28 11.60 -27.03
C ARG C 156 -7.17 12.39 -25.74
N MET C 157 -5.96 12.72 -25.29
CA MET C 157 -5.77 13.51 -24.08
C MET C 157 -6.10 15.00 -24.34
N GLU C 158 -5.88 15.45 -25.56
CA GLU C 158 -6.22 16.81 -25.99
C GLU C 158 -5.60 17.85 -25.09
N SER C 159 -4.34 17.65 -24.76
CA SER C 159 -3.58 18.51 -23.89
C SER C 159 -2.21 18.98 -24.53
N PRO C 160 -2.18 20.22 -25.04
CA PRO C 160 -0.89 20.77 -25.59
C PRO C 160 0.26 20.69 -24.62
N ASP C 161 0.01 20.90 -23.33
CA ASP C 161 1.08 20.85 -22.33
C ASP C 161 1.65 19.44 -22.25
N LEU C 162 0.77 18.43 -22.25
CA LEU C 162 1.30 17.05 -22.21
C LEU C 162 2.15 16.75 -23.48
N ALA C 163 1.57 17.08 -24.63
CA ALA C 163 2.20 16.81 -25.96
C ALA C 163 3.60 17.51 -25.98
N ALA C 164 3.73 18.68 -25.31
CA ALA C 164 5.04 19.37 -25.25
C ALA C 164 6.05 18.76 -24.33
N LEU C 165 5.62 17.76 -23.53
CA LEU C 165 6.57 16.95 -22.78
C LEU C 165 7.01 15.68 -23.52
N ALA C 166 6.31 15.32 -24.59
CA ALA C 166 6.63 14.01 -25.25
C ALA C 166 8.05 13.91 -25.78
N PHE C 167 8.50 14.90 -26.56
CA PHE C 167 9.88 14.82 -27.09
C PHE C 167 10.76 16.03 -26.77
N ASN C 168 10.60 16.56 -25.56
CA ASN C 168 11.19 17.79 -25.14
C ASN C 168 12.59 17.54 -24.65
N PRO C 169 13.60 18.07 -25.38
CA PRO C 169 14.99 17.87 -24.93
C PRO C 169 15.33 18.63 -23.63
N ASP C 170 14.51 19.60 -23.20
CA ASP C 170 14.72 20.37 -21.94
C ASP C 170 13.76 20.04 -20.78
N ALA C 171 12.98 18.96 -20.87
CA ALA C 171 11.98 18.70 -19.82
C ALA C 171 12.65 18.15 -18.56
N PRO C 172 12.04 18.39 -17.37
CA PRO C 172 12.47 17.73 -16.12
C PRO C 172 12.34 16.21 -16.21
N ALA C 173 13.03 15.43 -15.37
CA ALA C 173 12.69 13.98 -15.35
C ALA C 173 11.24 13.66 -14.87
N GLU C 174 10.69 14.43 -13.93
CA GLU C 174 9.40 14.08 -13.33
C GLU C 174 8.54 15.26 -13.21
N LEU C 175 7.25 15.04 -13.26
CA LEU C 175 6.26 16.05 -13.01
C LEU C 175 5.46 15.49 -11.82
N PRO C 176 4.67 16.36 -11.12
CA PRO C 176 3.48 16.03 -10.33
C PRO C 176 2.53 14.97 -10.91
N GLY C 177 1.98 14.14 -10.01
CA GLY C 177 1.25 12.91 -10.43
C GLY C 177 -0.13 13.20 -10.99
N ILE C 178 -0.75 12.19 -11.62
CA ILE C 178 -2.10 12.37 -12.16
C ILE C 178 -3.18 11.69 -11.25
N GLY C 179 -2.72 10.73 -10.40
CA GLY C 179 -3.53 9.94 -9.45
C GLY C 179 -4.61 10.61 -8.56
N SER C 180 -5.68 9.81 -8.35
CA SER C 180 -6.87 10.21 -7.56
C SER C 180 -7.63 11.50 -7.99
N ASP C 181 -8.18 11.56 -9.21
CA ASP C 181 -9.27 12.45 -9.53
C ASP C 181 -10.54 11.57 -9.22
N ILE C 182 -11.13 11.74 -8.00
CA ILE C 182 -12.12 10.80 -7.41
C ILE C 182 -13.19 11.69 -6.74
N LYS C 183 -14.47 11.56 -7.10
CA LYS C 183 -15.44 12.42 -6.46
C LYS C 183 -15.69 12.09 -4.95
N ALA C 184 -15.85 10.81 -4.62
CA ALA C 184 -16.02 10.32 -3.24
C ALA C 184 -14.86 10.76 -2.35
N GLU C 185 -15.24 11.35 -1.21
CA GLU C 185 -14.33 12.04 -0.32
C GLU C 185 -13.50 11.01 0.37
N GLY C 186 -12.22 11.28 0.56
CA GLY C 186 -11.42 10.34 1.32
C GLY C 186 -10.75 9.22 0.53
N VAL C 187 -11.27 8.89 -0.66
CA VAL C 187 -10.82 7.63 -1.32
C VAL C 187 -9.41 7.76 -1.93
N LYS C 188 -8.56 6.79 -1.60
CA LYS C 188 -7.20 6.86 -2.13
C LYS C 188 -6.86 5.86 -3.23
N GLU C 189 -6.06 6.28 -4.22
CA GLU C 189 -5.61 5.37 -5.28
C GLU C 189 -4.17 5.06 -5.10
N LEU C 190 -3.76 3.84 -5.33
CA LEU C 190 -2.38 3.53 -5.36
C LEU C 190 -1.80 3.77 -6.80
N ALA C 191 -1.19 4.95 -7.00
CA ALA C 191 -0.57 5.35 -8.27
C ALA C 191 0.71 6.09 -7.92
N TYR C 192 1.64 6.25 -8.85
CA TYR C 192 2.90 6.99 -8.51
C TYR C 192 2.52 8.44 -8.21
N PRO C 193 3.25 9.08 -7.27
CA PRO C 193 3.04 10.42 -6.83
C PRO C 193 3.59 11.49 -7.86
N VAL C 194 4.32 10.99 -8.87
CA VAL C 194 4.92 11.80 -9.94
C VAL C 194 4.62 11.11 -11.32
N THR C 195 4.57 11.93 -12.37
CA THR C 195 4.60 11.42 -13.78
C THR C 195 6.02 11.43 -14.38
N PRO C 196 6.58 10.24 -14.70
CA PRO C 196 7.90 10.17 -15.33
C PRO C 196 7.77 10.61 -16.82
N VAL C 197 8.36 11.76 -17.10
CA VAL C 197 8.29 12.42 -18.44
C VAL C 197 8.60 11.52 -19.65
N PRO C 198 9.66 10.71 -19.60
CA PRO C 198 9.90 9.95 -20.82
C PRO C 198 8.78 8.95 -21.20
N ALA C 199 7.88 8.62 -20.27
CA ALA C 199 6.92 7.51 -20.52
C ALA C 199 5.79 8.20 -21.24
N ILE C 200 5.69 9.53 -21.17
CA ILE C 200 4.51 10.25 -21.79
C ILE C 200 4.25 9.99 -23.32
N LYS C 201 5.34 9.86 -24.07
CA LYS C 201 5.20 9.63 -25.53
C LYS C 201 4.40 8.29 -25.82
N HIS C 202 4.65 7.28 -24.98
CA HIS C 202 3.93 5.98 -25.05
C HIS C 202 2.48 6.04 -24.70
N LEU C 203 2.08 6.89 -23.74
CA LEU C 203 0.68 7.07 -23.52
C LEU C 203 -0.02 7.57 -24.75
N ILE C 204 0.57 8.58 -25.39
CA ILE C 204 -0.11 9.23 -26.56
C ILE C 204 -0.14 8.22 -27.76
N THR C 205 0.92 7.43 -27.90
CA THR C 205 1.05 6.46 -29.00
C THR C 205 -0.12 5.44 -28.91
N ILE C 206 -0.29 4.86 -27.69
CA ILE C 206 -1.36 3.88 -27.49
C ILE C 206 -2.68 4.50 -27.81
N GLY C 207 -2.93 5.73 -27.30
CA GLY C 207 -4.21 6.31 -27.58
C GLY C 207 -4.45 6.51 -29.09
N ALA C 208 -3.41 6.99 -29.77
CA ALA C 208 -3.57 7.18 -31.26
C ALA C 208 -3.77 5.86 -32.09
N VAL C 209 -3.03 4.82 -31.74
CA VAL C 209 -3.16 3.54 -32.44
C VAL C 209 -4.58 3.03 -32.21
N ALA C 210 -5.08 3.12 -30.96
CA ALA C 210 -6.46 2.67 -30.67
C ALA C 210 -7.48 3.41 -31.41
N GLU C 211 -7.36 4.76 -31.37
CA GLU C 211 -8.27 5.55 -32.16
C GLU C 211 -8.30 5.12 -33.66
N MET C 212 -7.14 4.92 -34.26
CA MET C 212 -7.08 4.55 -35.70
C MET C 212 -7.67 3.12 -36.00
N LEU C 213 -7.58 2.19 -35.02
CA LEU C 213 -8.25 0.88 -35.10
C LEU C 213 -9.79 0.82 -34.91
N LEU C 214 -10.41 1.88 -34.40
CA LEU C 214 -11.79 1.84 -34.08
C LEU C 214 -12.72 1.14 -35.12
N PRO C 215 -12.62 1.46 -36.44
CA PRO C 215 -13.52 0.84 -37.46
C PRO C 215 -13.38 -0.70 -37.45
N ARG C 216 -12.25 -1.21 -37.04
CA ARG C 216 -12.05 -2.64 -36.93
C ARG C 216 -12.63 -3.34 -35.72
N VAL C 217 -13.03 -2.57 -34.71
CA VAL C 217 -13.66 -3.18 -33.51
C VAL C 217 -15.07 -3.58 -33.86
N LYS C 218 -15.41 -4.87 -33.71
CA LYS C 218 -16.69 -5.43 -34.16
C LYS C 218 -17.42 -6.09 -32.98
N CYS C 219 -16.73 -6.49 -31.91
CA CYS C 219 -17.47 -7.17 -30.84
C CYS C 219 -18.41 -6.22 -30.11
N PRO C 220 -19.40 -6.78 -29.36
CA PRO C 220 -20.23 -5.98 -28.44
C PRO C 220 -19.43 -5.07 -27.48
N ALA C 221 -19.90 -3.84 -27.22
CA ALA C 221 -19.13 -2.89 -26.43
C ALA C 221 -20.07 -2.20 -25.43
N LEU C 222 -19.62 -2.13 -24.15
CA LEU C 222 -20.18 -1.28 -23.13
C LEU C 222 -19.14 -0.22 -22.83
N ILE C 223 -19.41 1.00 -23.32
CA ILE C 223 -18.45 2.10 -23.19
C ILE C 223 -18.89 2.90 -21.98
N ILE C 224 -18.03 2.93 -20.97
CA ILE C 224 -18.38 3.55 -19.68
C ILE C 224 -17.57 4.81 -19.54
N GLN C 225 -18.25 5.93 -19.37
CA GLN C 225 -17.57 7.23 -19.35
C GLN C 225 -18.15 8.13 -18.23
N SER C 226 -17.27 8.74 -17.43
CA SER C 226 -17.66 9.71 -16.48
C SER C 226 -18.05 11.03 -17.18
N ARG C 227 -19.19 11.54 -16.72
CA ARG C 227 -19.78 12.71 -17.32
C ARG C 227 -18.87 13.88 -17.01
N GLU C 228 -18.18 13.83 -15.91
CA GLU C 228 -17.26 14.86 -15.58
C GLU C 228 -15.95 14.18 -15.19
N ASP C 229 -14.85 14.58 -15.85
CA ASP C 229 -13.56 13.88 -15.71
C ASP C 229 -12.49 14.94 -15.94
N HIS C 230 -11.62 15.10 -14.94
CA HIS C 230 -10.57 16.11 -14.94
C HIS C 230 -9.25 15.58 -15.52
N VAL C 231 -9.23 14.31 -15.98
CA VAL C 231 -7.99 13.70 -16.52
C VAL C 231 -8.10 13.47 -18.05
N VAL C 232 -9.16 12.77 -18.48
CA VAL C 232 -9.30 12.32 -19.80
C VAL C 232 -10.61 12.95 -20.19
N PRO C 233 -10.65 13.62 -21.35
CA PRO C 233 -11.86 14.22 -21.83
C PRO C 233 -13.05 13.24 -22.06
N PRO C 234 -14.25 13.60 -21.54
CA PRO C 234 -15.41 12.76 -21.54
C PRO C 234 -15.89 12.45 -22.95
N HIS C 235 -15.60 13.37 -23.85
CA HIS C 235 -15.96 13.21 -25.23
C HIS C 235 -15.29 11.93 -25.82
N ASN C 236 -14.23 11.42 -25.16
CA ASN C 236 -13.68 10.11 -25.53
C ASN C 236 -14.75 9.00 -25.64
N GLY C 237 -15.77 9.00 -24.79
CA GLY C 237 -16.83 7.97 -24.88
C GLY C 237 -17.62 8.10 -26.19
N GLU C 238 -17.91 9.36 -26.60
CA GLU C 238 -18.65 9.59 -27.87
C GLU C 238 -17.83 9.18 -29.09
N LEU C 239 -16.54 9.49 -29.02
CA LEU C 239 -15.58 9.18 -30.02
C LEU C 239 -15.59 7.68 -30.31
N ILE C 240 -15.46 6.88 -29.23
CA ILE C 240 -15.57 5.44 -29.36
C ILE C 240 -16.95 4.98 -29.86
N TYR C 241 -18.02 5.52 -29.28
CA TYR C 241 -19.34 5.04 -29.65
C TYR C 241 -19.55 5.25 -31.16
N ASN C 242 -19.14 6.42 -31.63
CA ASN C 242 -19.38 6.80 -33.02
C ASN C 242 -18.41 6.14 -34.01
N GLY C 243 -17.20 5.73 -33.57
CA GLY C 243 -16.19 5.16 -34.47
C GLY C 243 -16.07 3.65 -34.59
N ILE C 244 -16.62 2.88 -33.64
CA ILE C 244 -16.49 1.45 -33.76
C ILE C 244 -17.45 0.88 -34.78
N GLY C 245 -17.08 -0.28 -35.32
CA GLY C 245 -17.91 -0.99 -36.31
C GLY C 245 -18.89 -1.92 -35.65
N SER C 246 -18.83 -2.08 -34.30
CA SER C 246 -19.79 -2.93 -33.57
C SER C 246 -21.26 -2.62 -33.83
N THR C 247 -22.08 -3.63 -34.03
CA THR C 247 -23.52 -3.34 -34.20
C THR C 247 -24.17 -3.31 -32.82
N GLU C 248 -23.53 -3.92 -31.82
CA GLU C 248 -24.10 -3.89 -30.47
C GLU C 248 -23.26 -3.01 -29.55
N LYS C 249 -23.81 -1.88 -29.10
CA LYS C 249 -22.96 -0.94 -28.37
C LYS C 249 -23.82 -0.12 -27.51
N GLU C 250 -23.30 0.29 -26.35
CA GLU C 250 -24.05 1.14 -25.42
C GLU C 250 -23.08 2.13 -24.83
N LEU C 251 -23.48 3.39 -24.69
CA LEU C 251 -22.70 4.36 -23.98
C LEU C 251 -23.38 4.60 -22.60
N LEU C 252 -22.71 4.19 -21.52
CA LEU C 252 -23.14 4.43 -20.13
C LEU C 252 -22.41 5.59 -19.44
N TRP C 253 -23.16 6.68 -19.21
CA TRP C 253 -22.59 7.86 -18.60
C TRP C 253 -22.61 7.78 -17.10
N LEU C 254 -21.50 8.02 -16.44
CA LEU C 254 -21.51 7.95 -14.99
C LEU C 254 -21.80 9.34 -14.37
N GLU C 255 -22.87 9.47 -13.57
CA GLU C 255 -23.30 10.80 -13.03
C GLU C 255 -22.63 11.19 -11.74
N ASN C 256 -21.88 10.32 -11.08
CA ASN C 256 -21.42 10.61 -9.72
C ASN C 256 -20.01 10.29 -9.49
N SER C 257 -19.21 10.17 -10.56
CA SER C 257 -17.80 9.82 -10.40
C SER C 257 -16.97 10.76 -11.24
N TYR C 258 -15.70 10.93 -10.85
CA TYR C 258 -14.71 11.58 -11.70
C TYR C 258 -13.90 10.50 -12.43
N HIS C 259 -12.59 10.70 -12.53
CA HIS C 259 -11.79 9.90 -13.48
C HIS C 259 -11.64 8.46 -13.04
N VAL C 260 -11.30 8.25 -11.76
CA VAL C 260 -10.96 6.92 -11.28
C VAL C 260 -12.25 6.25 -10.80
N ALA C 261 -13.15 6.04 -11.79
CA ALA C 261 -14.49 5.67 -11.54
C ALA C 261 -14.60 4.26 -10.88
N THR C 262 -13.56 3.41 -11.07
CA THR C 262 -13.56 2.01 -10.63
C THR C 262 -13.36 1.97 -9.06
N LEU C 263 -13.06 3.15 -8.49
CA LEU C 263 -12.86 3.34 -7.04
C LEU C 263 -13.91 4.22 -6.47
N ASP C 264 -14.74 4.81 -7.32
CA ASP C 264 -15.56 6.02 -6.98
C ASP C 264 -17.06 5.68 -6.64
N ASN C 265 -17.91 6.68 -6.49
CA ASN C 265 -19.29 6.40 -6.07
C ASN C 265 -19.94 5.43 -7.04
N ASP C 266 -19.54 5.42 -8.32
CA ASP C 266 -20.32 4.60 -9.27
C ASP C 266 -19.71 3.22 -9.41
N LYS C 267 -18.70 2.88 -8.61
CA LYS C 267 -18.03 1.52 -8.79
C LYS C 267 -18.99 0.31 -8.80
N GLU C 268 -19.99 0.35 -7.91
CA GLU C 268 -21.01 -0.73 -7.87
C GLU C 268 -21.82 -0.92 -9.12
N LEU C 269 -22.36 0.18 -9.64
CA LEU C 269 -23.04 0.21 -10.95
C LEU C 269 -22.14 -0.34 -12.09
N ILE C 270 -20.85 0.02 -12.09
CA ILE C 270 -19.93 -0.43 -13.14
C ILE C 270 -19.80 -1.99 -13.00
N LEU C 271 -19.65 -2.51 -11.78
CA LEU C 271 -19.44 -3.98 -11.62
C LEU C 271 -20.69 -4.67 -12.05
N GLU C 272 -21.81 -4.16 -11.51
CA GLU C 272 -23.14 -4.82 -11.83
C GLU C 272 -23.42 -4.86 -13.34
N ARG C 273 -23.32 -3.71 -14.00
CA ARG C 273 -23.59 -3.68 -15.47
C ARG C 273 -22.53 -4.43 -16.27
N SER C 274 -21.28 -4.47 -15.84
CA SER C 274 -20.23 -5.22 -16.55
C SER C 274 -20.53 -6.69 -16.39
N LEU C 275 -20.90 -7.14 -15.19
CA LEU C 275 -21.28 -8.62 -15.00
C LEU C 275 -22.50 -8.97 -15.86
N ALA C 276 -23.48 -8.06 -15.88
CA ALA C 276 -24.69 -8.26 -16.72
C ALA C 276 -24.34 -8.40 -18.25
N PHE C 277 -23.43 -7.55 -18.66
CA PHE C 277 -22.96 -7.50 -20.02
C PHE C 277 -22.22 -8.79 -20.41
N ILE C 278 -21.32 -9.25 -19.56
CA ILE C 278 -20.71 -10.54 -19.75
C ILE C 278 -21.69 -11.71 -19.86
N ARG C 279 -22.64 -11.84 -18.91
CA ARG C 279 -23.67 -12.94 -18.98
C ARG C 279 -24.51 -12.91 -20.24
N LYS C 280 -24.70 -11.69 -20.77
CA LYS C 280 -25.60 -11.56 -21.90
C LYS C 280 -24.88 -11.57 -23.23
N HIS C 281 -23.57 -11.76 -23.25
CA HIS C 281 -22.88 -11.82 -24.56
C HIS C 281 -22.02 -13.00 -24.74
N LEU D 36 -21.34 8.60 46.14
CA LEU D 36 -21.21 7.17 46.67
C LEU D 36 -20.56 7.03 48.06
N GLN D 37 -21.31 6.39 48.97
CA GLN D 37 -20.80 6.13 50.33
C GLN D 37 -19.59 5.12 50.25
N VAL D 38 -18.48 5.50 50.91
CA VAL D 38 -17.38 4.60 51.21
C VAL D 38 -17.85 3.63 52.32
N LEU D 39 -17.66 2.33 52.11
CA LEU D 39 -18.07 1.35 53.10
C LEU D 39 -17.40 1.71 54.46
N PRO D 40 -18.20 1.65 55.55
CA PRO D 40 -17.55 2.01 56.85
C PRO D 40 -16.45 0.99 57.09
N GLY D 41 -15.22 1.44 57.32
CA GLY D 41 -14.12 0.47 57.44
C GLY D 41 -13.15 0.67 56.29
N ALA D 42 -13.64 1.20 55.15
CA ALA D 42 -12.79 1.27 53.94
C ALA D 42 -12.18 2.65 53.70
N GLU D 43 -12.23 3.47 54.75
N GLU D 43 -12.29 3.54 54.69
CA GLU D 43 -11.66 4.83 54.73
CA GLU D 43 -11.77 4.92 54.48
C GLU D 43 -10.15 4.76 54.49
C GLU D 43 -10.24 4.82 54.46
N PRO D 44 -9.59 5.65 53.61
CA PRO D 44 -8.10 5.77 53.45
C PRO D 44 -7.41 6.28 54.73
N LEU D 45 -6.10 6.03 54.93
CA LEU D 45 -5.42 6.57 56.14
C LEU D 45 -4.25 7.36 55.72
N TYR D 46 -4.29 8.67 56.00
CA TYR D 46 -3.16 9.54 55.74
C TYR D 46 -2.72 10.02 57.13
N SER D 47 -1.41 10.20 57.33
CA SER D 47 -0.91 10.70 58.62
C SER D 47 0.32 11.59 58.32
N VAL D 48 0.35 12.81 58.85
CA VAL D 48 1.50 13.70 58.65
C VAL D 48 2.46 13.58 59.87
N GLY D 49 3.75 13.45 59.58
CA GLY D 49 4.72 12.94 60.54
C GLY D 49 6.03 13.44 60.02
N SER D 50 7.08 12.63 60.10
CA SER D 50 8.47 13.02 59.75
C SER D 50 8.73 13.21 58.28
N ARG D 51 10.00 13.46 58.00
CA ARG D 51 10.56 13.60 56.67
C ARG D 51 10.63 12.30 55.82
N ILE D 52 10.26 11.17 56.46
CA ILE D 52 10.29 9.82 55.87
C ILE D 52 8.85 9.41 55.63
N GLY D 53 8.51 9.23 54.34
CA GLY D 53 7.18 8.80 53.95
C GLY D 53 7.13 7.33 53.58
N VAL D 54 5.99 6.72 53.89
CA VAL D 54 5.66 5.35 53.55
C VAL D 54 4.31 5.34 52.80
N LEU D 55 4.36 4.85 51.55
CA LEU D 55 3.15 4.64 50.74
C LEU D 55 2.69 3.17 50.92
N VAL D 56 1.42 2.98 51.25
CA VAL D 56 0.89 1.68 51.63
C VAL D 56 -0.33 1.32 50.74
N SER D 57 -0.12 0.31 49.84
CA SER D 57 -1.18 0.00 48.84
C SER D 57 -1.96 -1.27 49.12
N HIS D 58 -3.29 -1.16 49.26
CA HIS D 58 -4.06 -2.40 49.31
C HIS D 58 -4.15 -3.05 47.87
N GLY D 59 -4.88 -4.15 47.71
CA GLY D 59 -4.96 -4.81 46.42
C GLY D 59 -6.40 -4.99 45.89
N PHE D 60 -6.57 -5.95 44.97
CA PHE D 60 -7.68 -5.95 44.04
C PHE D 60 -8.92 -6.47 44.77
N THR D 61 -10.07 -5.73 44.71
CA THR D 61 -11.32 -6.03 45.50
C THR D 61 -11.21 -5.67 47.02
N GLY D 62 -9.99 -5.32 47.46
CA GLY D 62 -9.71 -5.09 48.87
C GLY D 62 -9.97 -3.62 49.18
N SER D 63 -9.37 -3.13 50.28
CA SER D 63 -9.55 -1.73 50.73
C SER D 63 -8.49 -1.42 51.78
N PRO D 64 -8.39 -0.13 52.20
CA PRO D 64 -7.34 0.16 53.24
C PRO D 64 -7.50 -0.62 54.55
N GLN D 65 -8.65 -1.20 54.81
CA GLN D 65 -8.76 -1.89 56.06
C GLN D 65 -7.85 -3.10 56.14
N SER D 66 -7.51 -3.70 54.99
CA SER D 66 -6.66 -4.93 55.01
C SER D 66 -5.28 -4.46 55.44
N MET D 67 -5.01 -3.18 55.27
CA MET D 67 -3.65 -2.67 55.52
C MET D 67 -3.54 -1.79 56.82
N ARG D 68 -4.62 -1.69 57.59
CA ARG D 68 -4.68 -0.62 58.58
C ARG D 68 -3.66 -0.90 59.73
N PHE D 69 -3.53 -2.17 60.09
CA PHE D 69 -2.63 -2.59 61.14
C PHE D 69 -1.19 -2.13 60.87
N LEU D 70 -0.76 -2.26 59.62
CA LEU D 70 0.54 -1.82 59.18
C LEU D 70 0.65 -0.31 59.07
N ALA D 71 -0.39 0.31 58.51
CA ALA D 71 -0.43 1.77 58.30
C ALA D 71 -0.44 2.46 59.70
N GLU D 72 -1.28 1.98 60.64
CA GLU D 72 -1.27 2.62 62.03
C GLU D 72 0.16 2.51 62.56
N GLY D 73 0.65 1.27 62.64
CA GLY D 73 2.08 0.97 62.94
C GLY D 73 3.11 2.02 62.48
N PHE D 74 3.09 2.40 61.21
CA PHE D 74 4.14 3.28 60.71
C PHE D 74 3.85 4.68 61.18
N ALA D 75 2.57 4.97 61.38
CA ALA D 75 2.13 6.33 61.71
C ALA D 75 2.58 6.57 63.20
N ARG D 76 2.28 5.60 64.08
CA ARG D 76 2.75 5.63 65.50
C ARG D 76 4.25 5.81 65.62
N ALA D 77 5.03 5.06 64.84
CA ALA D 77 6.48 5.24 64.92
C ALA D 77 6.85 6.62 64.35
N GLY D 78 5.82 7.41 64.01
CA GLY D 78 6.03 8.80 63.49
C GLY D 78 6.41 9.15 62.04
N TYR D 79 6.32 8.17 61.12
CA TYR D 79 6.50 8.48 59.69
C TYR D 79 5.28 9.21 59.13
N THR D 80 5.45 9.99 58.09
CA THR D 80 4.31 10.32 57.20
C THR D 80 3.78 9.06 56.41
N VAL D 81 2.48 8.81 56.45
CA VAL D 81 1.83 7.63 55.82
C VAL D 81 0.76 8.04 54.81
N ALA D 82 0.75 7.38 53.63
CA ALA D 82 -0.30 7.54 52.59
C ALA D 82 -0.77 6.13 52.27
N THR D 83 -1.99 5.82 52.65
CA THR D 83 -2.70 4.57 52.43
C THR D 83 -4.00 4.88 51.59
N PRO D 84 -3.85 5.14 50.27
CA PRO D 84 -5.00 5.50 49.38
C PRO D 84 -6.09 4.48 49.30
N ARG D 85 -7.31 4.92 49.00
CA ARG D 85 -8.40 4.00 48.66
C ARG D 85 -8.33 3.95 47.11
N LEU D 86 -8.06 2.78 46.54
CA LEU D 86 -7.90 2.69 45.04
C LEU D 86 -9.28 2.95 44.39
N THR D 87 -9.26 3.58 43.18
CA THR D 87 -10.49 3.91 42.42
C THR D 87 -11.37 2.67 42.32
N GLY D 88 -12.65 2.84 42.64
CA GLY D 88 -13.60 1.74 42.50
C GLY D 88 -13.60 0.77 43.64
N HIS D 89 -12.67 0.97 44.60
CA HIS D 89 -12.61 0.04 45.77
C HIS D 89 -13.25 0.65 47.06
N GLY D 90 -13.76 -0.18 47.98
CA GLY D 90 -14.45 0.40 49.21
C GLY D 90 -15.81 1.15 48.96
N THR D 91 -16.48 0.92 47.79
CA THR D 91 -17.73 1.65 47.36
C THR D 91 -18.69 0.57 46.92
N THR D 92 -18.74 0.25 45.60
CA THR D 92 -19.50 -0.92 45.14
C THR D 92 -18.77 -1.74 44.07
N PRO D 93 -19.15 -3.03 43.93
CA PRO D 93 -18.58 -3.82 42.79
C PRO D 93 -18.85 -3.16 41.44
N ALA D 94 -20.03 -2.53 41.25
CA ALA D 94 -20.33 -1.89 39.96
C ALA D 94 -19.33 -0.78 39.69
N GLU D 95 -18.91 -0.03 40.72
CA GLU D 95 -17.92 1.03 40.47
C GLU D 95 -16.50 0.43 40.14
N MET D 96 -16.18 -0.71 40.73
CA MET D 96 -14.88 -1.29 40.45
C MET D 96 -14.85 -1.86 38.97
N ALA D 97 -15.99 -2.37 38.51
CA ALA D 97 -16.15 -2.90 37.14
C ALA D 97 -15.87 -1.86 36.09
N ALA D 98 -16.08 -0.58 36.41
CA ALA D 98 -15.78 0.53 35.53
C ALA D 98 -14.35 1.07 35.72
N SER D 99 -13.56 0.54 36.64
CA SER D 99 -12.22 1.15 36.85
C SER D 99 -11.10 0.35 36.10
N THR D 100 -9.94 0.97 35.91
CA THR D 100 -8.90 0.41 35.06
C THR D 100 -7.53 0.45 35.75
N ALA D 101 -6.54 -0.25 35.18
CA ALA D 101 -5.12 -0.17 35.64
C ALA D 101 -4.54 1.25 35.44
N SER D 102 -5.00 2.00 34.42
CA SER D 102 -4.68 3.43 34.34
C SER D 102 -5.11 4.29 35.59
N ASP D 103 -6.34 4.10 36.05
CA ASP D 103 -6.80 4.70 37.29
C ASP D 103 -5.84 4.34 38.47
N TRP D 104 -5.47 3.08 38.56
CA TRP D 104 -4.75 2.59 39.74
C TRP D 104 -3.34 3.07 39.80
N THR D 105 -2.63 3.09 38.67
CA THR D 105 -1.27 3.63 38.66
C THR D 105 -1.33 5.17 38.91
N ALA D 106 -2.27 5.88 38.28
CA ALA D 106 -2.52 7.35 38.62
C ALA D 106 -2.80 7.57 40.15
N ASP D 107 -3.53 6.64 40.80
CA ASP D 107 -3.76 6.70 42.27
C ASP D 107 -2.40 6.57 43.00
N ILE D 108 -1.54 5.63 42.57
CA ILE D 108 -0.28 5.52 43.20
C ILE D 108 0.52 6.77 42.98
N VAL D 109 0.57 7.25 41.72
CA VAL D 109 1.29 8.48 41.47
C VAL D 109 0.74 9.68 42.35
N ALA D 110 -0.59 9.85 42.46
CA ALA D 110 -1.12 10.91 43.32
C ALA D 110 -0.56 10.75 44.76
N ALA D 111 -0.48 9.52 45.23
CA ALA D 111 -0.03 9.22 46.59
C ALA D 111 1.46 9.54 46.75
N MET D 112 2.27 9.34 45.72
CA MET D 112 3.68 9.73 45.81
C MET D 112 3.80 11.24 45.90
N ARG D 113 2.98 11.95 45.12
CA ARG D 113 3.08 13.39 45.05
C ARG D 113 2.70 14.07 46.38
N TRP D 114 1.66 13.57 47.03
CA TRP D 114 1.26 14.00 48.33
C TRP D 114 2.34 13.66 49.37
N LEU D 115 3.10 12.60 49.14
CA LEU D 115 4.20 12.25 50.01
C LEU D 115 5.42 13.13 49.70
N GLU D 116 5.67 13.47 48.44
CA GLU D 116 6.89 14.19 48.04
C GLU D 116 6.86 15.67 48.41
N GLU D 117 5.65 16.20 48.67
CA GLU D 117 5.48 17.54 49.24
C GLU D 117 5.93 17.68 50.70
N ARG D 118 5.92 16.55 51.42
CA ARG D 118 6.00 16.46 52.88
C ARG D 118 7.24 15.63 53.34
N CYS D 119 7.96 15.05 52.39
CA CYS D 119 8.99 14.09 52.73
C CYS D 119 10.18 14.32 51.82
N ASP D 120 11.39 13.96 52.27
CA ASP D 120 12.57 13.93 51.35
C ASP D 120 12.93 12.49 50.96
N VAL D 121 12.25 11.51 51.60
CA VAL D 121 12.56 10.06 51.49
C VAL D 121 11.25 9.24 51.49
N LEU D 122 11.09 8.36 50.48
CA LEU D 122 9.89 7.53 50.32
C LEU D 122 10.18 6.01 50.36
N PHE D 123 9.31 5.27 51.03
CA PHE D 123 9.25 3.80 50.93
C PHE D 123 7.87 3.36 50.41
N MET D 124 7.76 2.16 49.79
CA MET D 124 6.44 1.64 49.40
C MET D 124 6.28 0.21 49.75
N THR D 125 5.14 -0.14 50.26
CA THR D 125 4.83 -1.52 50.54
C THR D 125 3.37 -1.71 50.05
N GLY D 126 2.92 -2.95 49.83
CA GLY D 126 1.56 -3.19 49.25
C GLY D 126 1.31 -4.66 49.33
N LEU D 127 0.05 -5.04 49.53
CA LEU D 127 -0.42 -6.43 49.46
C LEU D 127 -1.02 -6.75 48.04
N SER D 128 -0.56 -7.88 47.44
CA SER D 128 -1.16 -8.48 46.28
C SER D 128 -1.05 -7.55 45.09
N MET D 129 -2.19 -7.10 44.51
CA MET D 129 -1.99 -6.12 43.40
C MET D 129 -1.25 -4.90 43.96
N GLY D 130 -1.44 -4.59 45.26
CA GLY D 130 -0.72 -3.42 45.84
C GLY D 130 0.80 -3.71 45.91
N GLY D 131 1.20 -4.99 46.12
CA GLY D 131 2.62 -5.39 45.93
C GLY D 131 3.09 -5.31 44.47
N ALA D 132 2.20 -5.62 43.49
CA ALA D 132 2.58 -5.45 42.08
C ALA D 132 2.74 -3.93 41.83
N LEU D 133 1.81 -3.11 42.38
CA LEU D 133 1.93 -1.65 42.17
C LEU D 133 3.23 -1.13 42.80
N THR D 134 3.71 -1.79 43.87
CA THR D 134 4.99 -1.39 44.56
C THR D 134 6.20 -1.67 43.62
N VAL D 135 6.24 -2.87 43.04
CA VAL D 135 7.29 -3.16 42.02
C VAL D 135 7.18 -2.23 40.84
N TRP D 136 5.93 -1.95 40.37
CA TRP D 136 5.72 -1.07 39.22
C TRP D 136 6.31 0.33 39.50
N ALA D 137 5.91 0.95 40.61
CA ALA D 137 6.34 2.34 40.98
C ALA D 137 7.90 2.42 41.11
N ALA D 138 8.48 1.43 41.78
CA ALA D 138 9.99 1.42 41.88
C ALA D 138 10.70 1.16 40.59
N GLY D 139 9.99 0.49 39.65
CA GLY D 139 10.56 0.29 38.31
C GLY D 139 10.33 1.48 37.41
N GLN D 140 9.19 2.13 37.57
CA GLN D 140 8.81 3.24 36.70
C GLN D 140 9.57 4.48 37.07
N PHE D 141 9.83 4.64 38.38
CA PHE D 141 10.68 5.79 38.85
C PHE D 141 11.90 5.25 39.60
N PRO D 142 12.92 4.76 38.87
CA PRO D 142 13.87 4.02 39.66
C PRO D 142 14.70 4.84 40.69
N GLU D 143 14.76 6.17 40.59
CA GLU D 143 15.48 6.93 41.69
C GLU D 143 14.58 7.34 42.84
N ARG D 144 13.27 7.22 42.70
CA ARG D 144 12.40 7.81 43.68
C ARG D 144 12.32 7.11 45.04
N PHE D 145 12.61 5.82 45.11
CA PHE D 145 12.36 5.11 46.38
C PHE D 145 13.63 4.69 47.14
N ALA D 146 13.56 4.77 48.46
CA ALA D 146 14.69 4.39 49.30
C ALA D 146 14.64 2.89 49.57
N GLY D 147 13.46 2.31 49.38
CA GLY D 147 13.25 0.87 49.61
C GLY D 147 11.80 0.48 49.33
N ILE D 148 11.55 -0.82 49.12
CA ILE D 148 10.23 -1.34 48.94
C ILE D 148 10.03 -2.63 49.71
N MET D 149 8.78 -2.83 50.15
CA MET D 149 8.43 -4.03 50.86
C MET D 149 7.22 -4.74 50.23
N PRO D 150 7.41 -5.35 49.07
CA PRO D 150 6.14 -5.94 48.45
C PRO D 150 5.68 -7.13 49.24
N ILE D 151 4.39 -7.26 49.50
CA ILE D 151 3.89 -8.43 50.23
C ILE D 151 2.89 -9.31 49.43
N ASN D 152 3.18 -10.60 49.29
CA ASN D 152 2.43 -11.53 48.43
C ASN D 152 2.04 -10.87 47.07
N ALA D 153 2.99 -10.16 46.47
CA ALA D 153 2.74 -9.39 45.25
C ALA D 153 2.23 -10.29 44.07
N ALA D 154 1.25 -9.75 43.35
CA ALA D 154 0.51 -10.50 42.38
C ALA D 154 1.03 -10.17 40.98
N LEU D 155 2.22 -10.69 40.64
CA LEU D 155 2.80 -10.42 39.29
C LEU D 155 2.26 -11.42 38.27
N ARG D 156 2.12 -12.68 38.70
CA ARG D 156 1.62 -13.78 37.85
C ARG D 156 0.65 -14.65 38.65
N MET D 157 -0.63 -14.53 38.27
CA MET D 157 -1.63 -15.27 38.99
C MET D 157 -1.55 -16.80 38.69
N GLU D 158 -0.99 -17.17 37.53
CA GLU D 158 -0.93 -18.58 37.13
C GLU D 158 -2.28 -19.33 37.23
N SER D 159 -3.34 -18.65 36.84
CA SER D 159 -4.68 -19.23 36.87
C SER D 159 -5.40 -19.21 35.45
N PRO D 160 -5.40 -20.36 34.75
CA PRO D 160 -6.13 -20.39 33.44
C PRO D 160 -7.60 -20.03 33.56
N ASP D 161 -8.24 -20.37 34.71
CA ASP D 161 -9.68 -20.09 34.95
C ASP D 161 -9.79 -18.58 34.97
N LEU D 162 -8.86 -17.92 35.66
CA LEU D 162 -8.90 -16.49 35.71
C LEU D 162 -8.64 -15.83 34.30
N ALA D 163 -7.57 -16.26 33.66
CA ALA D 163 -7.21 -15.83 32.27
C ALA D 163 -8.42 -16.00 31.33
N ALA D 164 -9.19 -17.08 31.51
CA ALA D 164 -10.37 -17.34 30.65
C ALA D 164 -11.51 -16.36 30.82
N LEU D 165 -11.43 -15.54 31.89
CA LEU D 165 -12.41 -14.51 32.17
C LEU D 165 -11.97 -13.11 31.76
N ALA D 166 -10.70 -12.89 31.43
CA ALA D 166 -10.25 -11.52 31.03
C ALA D 166 -10.95 -10.94 29.76
N PHE D 167 -11.12 -11.77 28.73
CA PHE D 167 -11.76 -11.27 27.51
C PHE D 167 -12.78 -12.24 27.00
N ASN D 168 -13.63 -12.68 27.88
CA ASN D 168 -14.55 -13.75 27.62
C ASN D 168 -15.84 -13.06 27.15
N PRO D 169 -16.19 -13.27 25.83
CA PRO D 169 -17.44 -12.76 25.24
C PRO D 169 -18.70 -13.15 26.09
N ASP D 170 -18.71 -14.34 26.68
CA ASP D 170 -19.89 -14.87 27.37
C ASP D 170 -19.81 -14.90 28.92
N ALA D 171 -19.03 -14.05 29.61
CA ALA D 171 -18.76 -14.31 31.05
C ALA D 171 -19.87 -13.69 31.93
N PRO D 172 -20.19 -14.29 33.08
CA PRO D 172 -21.10 -13.40 33.88
C PRO D 172 -20.46 -12.05 34.27
N ALA D 173 -21.26 -11.08 34.75
CA ALA D 173 -20.71 -9.75 35.19
C ALA D 173 -19.86 -9.82 36.52
N GLU D 174 -20.10 -10.86 37.33
CA GLU D 174 -19.50 -11.05 38.68
C GLU D 174 -19.33 -12.51 38.99
N LEU D 175 -18.33 -12.86 39.79
CA LEU D 175 -18.18 -14.21 40.38
C LEU D 175 -17.99 -14.10 41.91
N PRO D 176 -17.91 -15.24 42.64
CA PRO D 176 -17.67 -15.23 44.12
C PRO D 176 -16.39 -14.48 44.54
N GLY D 177 -16.37 -13.93 45.77
CA GLY D 177 -15.26 -13.07 46.21
C GLY D 177 -13.91 -13.81 46.36
N ILE D 178 -12.80 -13.08 46.47
CA ILE D 178 -11.51 -13.72 46.78
C ILE D 178 -11.07 -13.45 48.25
N GLY D 179 -11.80 -12.56 48.95
CA GLY D 179 -11.47 -12.17 50.33
C GLY D 179 -11.28 -13.28 51.36
N SER D 180 -10.62 -12.87 52.44
CA SER D 180 -10.40 -13.69 53.65
C SER D 180 -9.77 -15.12 53.47
N ASP D 181 -8.66 -15.22 52.72
CA ASP D 181 -7.73 -16.39 52.79
C ASP D 181 -6.74 -16.06 53.91
N ILE D 182 -7.02 -16.54 55.12
CA ILE D 182 -6.33 -16.05 56.35
C ILE D 182 -6.24 -17.28 57.27
N LYS D 183 -5.05 -17.53 57.80
CA LYS D 183 -4.84 -18.74 58.61
C LYS D 183 -5.51 -18.61 59.99
N ALA D 184 -5.33 -17.50 60.67
CA ALA D 184 -5.97 -17.24 61.98
C ALA D 184 -7.48 -17.33 61.84
N GLU D 185 -8.18 -18.00 62.76
CA GLU D 185 -9.65 -18.04 62.63
C GLU D 185 -10.32 -16.76 63.22
N GLY D 186 -11.57 -16.54 62.82
CA GLY D 186 -12.33 -15.34 63.22
C GLY D 186 -11.76 -13.99 62.83
N VAL D 187 -10.96 -13.91 61.75
CA VAL D 187 -10.48 -12.61 61.25
C VAL D 187 -11.20 -12.36 59.90
N LYS D 188 -11.80 -11.19 59.72
CA LYS D 188 -12.45 -10.92 58.43
C LYS D 188 -11.70 -9.78 57.71
N GLU D 189 -11.81 -9.77 56.39
CA GLU D 189 -11.19 -8.72 55.60
C GLU D 189 -12.37 -7.95 55.03
N LEU D 190 -12.29 -6.63 55.03
CA LEU D 190 -13.25 -5.85 54.28
C LEU D 190 -12.84 -5.86 52.77
N ALA D 191 -13.46 -6.76 52.01
CA ALA D 191 -13.21 -6.90 50.54
C ALA D 191 -14.54 -7.10 49.88
N TYR D 192 -14.70 -6.83 48.59
CA TYR D 192 -16.05 -7.08 48.04
C TYR D 192 -16.35 -8.58 48.16
N PRO D 193 -17.63 -8.95 48.34
CA PRO D 193 -18.05 -10.34 48.38
C PRO D 193 -18.14 -11.00 47.00
N VAL D 194 -17.99 -10.21 45.96
CA VAL D 194 -17.95 -10.71 44.60
C VAL D 194 -16.69 -10.16 43.88
N THR D 195 -16.29 -10.84 42.80
CA THR D 195 -15.31 -10.31 41.86
C THR D 195 -16.02 -9.82 40.56
N PRO D 196 -15.86 -8.53 40.24
CA PRO D 196 -16.35 -7.90 39.03
C PRO D 196 -15.51 -8.36 37.79
N VAL D 197 -16.15 -9.08 36.89
CA VAL D 197 -15.36 -9.69 35.81
C VAL D 197 -14.60 -8.69 34.90
N PRO D 198 -15.21 -7.54 34.55
CA PRO D 198 -14.46 -6.63 33.68
C PRO D 198 -13.11 -6.09 34.18
N ALA D 199 -12.90 -6.07 35.49
CA ALA D 199 -11.68 -5.47 36.05
C ALA D 199 -10.54 -6.55 36.06
N ILE D 200 -10.87 -7.84 35.81
CA ILE D 200 -9.85 -8.91 35.88
C ILE D 200 -8.69 -8.67 34.92
N LYS D 201 -9.00 -8.20 33.72
CA LYS D 201 -7.91 -7.97 32.74
C LYS D 201 -6.91 -6.90 33.31
N HIS D 202 -7.42 -5.97 34.12
CA HIS D 202 -6.50 -4.92 34.61
C HIS D 202 -5.53 -5.44 35.71
N LEU D 203 -6.06 -6.29 36.57
CA LEU D 203 -5.21 -6.99 37.55
C LEU D 203 -4.04 -7.71 36.81
N ILE D 204 -4.37 -8.46 35.73
CA ILE D 204 -3.36 -9.19 34.94
C ILE D 204 -2.28 -8.24 34.30
N THR D 205 -2.75 -7.10 33.82
CA THR D 205 -1.91 -6.17 33.11
C THR D 205 -0.93 -5.47 34.09
N ILE D 206 -1.38 -5.09 35.30
CA ILE D 206 -0.43 -4.51 36.29
C ILE D 206 0.66 -5.49 36.62
N GLY D 207 0.28 -6.73 36.85
CA GLY D 207 1.23 -7.78 37.18
C GLY D 207 2.33 -7.94 36.12
N ALA D 208 1.89 -7.99 34.88
CA ALA D 208 2.85 -8.24 33.80
C ALA D 208 3.75 -7.03 33.54
N VAL D 209 3.18 -5.83 33.60
CA VAL D 209 3.98 -4.66 33.40
C VAL D 209 5.00 -4.61 34.54
N ALA D 210 4.56 -4.87 35.79
CA ALA D 210 5.51 -4.86 36.93
C ALA D 210 6.59 -5.91 36.74
N GLU D 211 6.22 -7.16 36.38
CA GLU D 211 7.25 -8.18 36.15
C GLU D 211 8.32 -7.73 35.14
N MET D 212 7.85 -7.16 34.06
CA MET D 212 8.73 -6.70 32.97
C MET D 212 9.64 -5.49 33.36
N LEU D 213 9.17 -4.63 34.27
CA LEU D 213 10.03 -3.54 34.87
C LEU D 213 11.09 -4.02 35.88
N LEU D 214 10.98 -5.25 36.38
CA LEU D 214 11.91 -5.77 37.44
C LEU D 214 13.40 -5.43 37.31
N PRO D 215 14.01 -5.59 36.09
CA PRO D 215 15.50 -5.33 36.04
C PRO D 215 15.81 -3.86 36.39
N ARG D 216 14.86 -2.94 36.10
CA ARG D 216 14.97 -1.53 36.46
C ARG D 216 14.79 -1.14 37.97
N VAL D 217 14.11 -1.95 38.77
CA VAL D 217 14.09 -1.74 40.22
C VAL D 217 15.55 -1.85 40.75
N LYS D 218 16.01 -0.79 41.43
CA LYS D 218 17.39 -0.61 42.01
C LYS D 218 17.42 -0.50 43.54
N CYS D 219 16.48 0.23 44.14
CA CYS D 219 16.38 0.39 45.58
C CYS D 219 16.34 -0.94 46.41
N PRO D 220 16.79 -0.91 47.69
CA PRO D 220 16.69 -2.10 48.52
C PRO D 220 15.27 -2.68 48.57
N ALA D 221 15.17 -3.98 48.80
CA ALA D 221 13.90 -4.68 48.78
C ALA D 221 13.82 -5.68 49.89
N LEU D 222 12.73 -5.62 50.63
CA LEU D 222 12.34 -6.67 51.54
C LEU D 222 11.06 -7.34 50.92
N ILE D 223 11.19 -8.57 50.39
CA ILE D 223 10.15 -9.27 49.64
C ILE D 223 9.51 -10.26 50.59
N ILE D 224 8.24 -10.07 50.90
CA ILE D 224 7.62 -10.84 51.94
C ILE D 224 6.55 -11.72 51.31
N GLN D 225 6.69 -13.05 51.41
CA GLN D 225 5.64 -13.96 50.93
C GLN D 225 5.28 -15.01 51.92
N SER D 226 4.01 -15.45 51.83
CA SER D 226 3.51 -16.52 52.62
C SER D 226 3.93 -17.78 51.95
N ARG D 227 4.39 -18.75 52.75
CA ARG D 227 4.82 -20.01 52.21
C ARG D 227 3.60 -20.75 51.65
N GLU D 228 2.44 -20.58 52.31
CA GLU D 228 1.22 -21.18 51.80
C GLU D 228 0.25 -20.02 51.47
N ASP D 229 -0.32 -20.02 50.26
CA ASP D 229 -1.12 -18.85 49.80
C ASP D 229 -2.12 -19.35 48.76
N HIS D 230 -3.37 -19.35 49.16
CA HIS D 230 -4.38 -20.00 48.33
C HIS D 230 -4.89 -19.04 47.22
N VAL D 231 -4.28 -17.86 47.09
CA VAL D 231 -4.75 -16.85 46.19
C VAL D 231 -3.69 -16.49 45.13
N VAL D 232 -2.50 -16.08 45.57
CA VAL D 232 -1.38 -15.63 44.72
C VAL D 232 -0.23 -16.65 44.91
N PRO D 233 0.27 -17.24 43.78
CA PRO D 233 1.28 -18.32 43.89
C PRO D 233 2.50 -17.79 44.67
N PRO D 234 2.91 -18.54 45.72
CA PRO D 234 4.14 -18.10 46.47
C PRO D 234 5.36 -17.92 45.58
N HIS D 235 5.38 -18.63 44.46
CA HIS D 235 6.42 -18.44 43.49
C HIS D 235 6.68 -16.97 43.14
N ASN D 236 5.63 -16.15 43.23
CA ASN D 236 5.80 -14.70 42.99
C ASN D 236 6.99 -14.05 43.78
N GLY D 237 7.20 -14.47 45.04
CA GLY D 237 8.32 -13.99 45.87
C GLY D 237 9.63 -14.24 45.16
N GLU D 238 9.79 -15.45 44.62
CA GLU D 238 10.99 -15.84 43.84
C GLU D 238 11.11 -15.12 42.52
N LEU D 239 10.00 -14.92 41.80
CA LEU D 239 10.11 -14.07 40.58
C LEU D 239 10.71 -12.72 40.91
N ILE D 240 10.21 -12.07 41.96
CA ILE D 240 10.72 -10.75 42.28
C ILE D 240 12.20 -10.86 42.68
N TYR D 241 12.49 -11.78 43.60
CA TYR D 241 13.87 -11.85 44.10
C TYR D 241 14.85 -12.12 42.95
N ASN D 242 14.50 -13.09 42.07
CA ASN D 242 15.33 -13.48 40.93
C ASN D 242 15.41 -12.41 39.86
N GLY D 243 14.46 -11.48 39.83
CA GLY D 243 14.37 -10.65 38.63
C GLY D 243 14.87 -9.24 38.87
N ILE D 244 14.81 -8.81 40.13
CA ILE D 244 15.03 -7.41 40.46
C ILE D 244 16.50 -6.99 40.24
N GLY D 245 16.73 -5.74 39.86
CA GLY D 245 18.09 -5.22 39.69
C GLY D 245 18.77 -4.86 41.01
N SER D 246 18.03 -4.91 42.11
CA SER D 246 18.55 -4.48 43.39
C SER D 246 19.74 -5.28 43.94
N THR D 247 20.80 -4.60 44.41
CA THR D 247 21.90 -5.28 45.10
C THR D 247 21.60 -5.65 46.59
N GLU D 248 20.69 -4.93 47.26
CA GLU D 248 20.28 -5.30 48.62
C GLU D 248 18.83 -5.80 48.59
N LYS D 249 18.67 -7.10 48.82
CA LYS D 249 17.36 -7.71 48.71
C LYS D 249 17.27 -8.93 49.63
N GLU D 250 16.10 -9.16 50.19
CA GLU D 250 15.91 -10.29 51.01
C GLU D 250 14.51 -10.89 50.77
N LEU D 251 14.45 -12.20 50.78
CA LEU D 251 13.17 -12.84 50.69
C LEU D 251 12.80 -13.34 52.09
N LEU D 252 11.67 -12.88 52.61
CA LEU D 252 11.22 -13.28 53.93
C LEU D 252 9.93 -14.13 53.83
N TRP D 253 10.08 -15.43 54.14
CA TRP D 253 8.98 -16.37 54.05
C TRP D 253 8.15 -16.32 55.30
N LEU D 254 6.82 -16.35 55.20
CA LEU D 254 5.98 -16.36 56.41
C LEU D 254 5.38 -17.71 56.69
N GLU D 255 5.46 -18.13 57.95
CA GLU D 255 5.11 -19.48 58.30
C GLU D 255 3.69 -19.58 58.83
N ASN D 256 3.09 -18.49 59.31
CA ASN D 256 1.80 -18.60 60.04
C ASN D 256 0.58 -17.96 59.38
N SER D 257 0.78 -17.48 58.15
CA SER D 257 -0.21 -16.66 57.42
C SER D 257 -0.51 -17.30 56.07
N TYR D 258 -1.74 -17.13 55.61
CA TYR D 258 -2.08 -17.43 54.21
C TYR D 258 -1.99 -16.09 53.44
N HIS D 259 -2.90 -15.87 52.47
CA HIS D 259 -2.75 -14.68 51.58
C HIS D 259 -2.73 -13.28 52.21
N VAL D 260 -3.73 -12.96 53.06
CA VAL D 260 -3.93 -11.57 53.61
C VAL D 260 -3.10 -11.52 54.89
N ALA D 261 -1.78 -11.59 54.66
CA ALA D 261 -0.79 -11.77 55.70
C ALA D 261 -0.79 -10.59 56.72
N THR D 262 -0.96 -9.36 56.22
CA THR D 262 -1.18 -8.14 57.02
C THR D 262 -2.34 -8.14 58.05
N LEU D 263 -3.24 -9.13 58.00
CA LEU D 263 -4.31 -9.26 58.98
C LEU D 263 -4.15 -10.60 59.68
N ASP D 264 -3.10 -11.37 59.33
CA ASP D 264 -3.04 -12.80 59.75
C ASP D 264 -2.11 -12.94 61.02
N ASN D 265 -1.77 -14.17 61.41
CA ASN D 265 -0.88 -14.42 62.59
C ASN D 265 0.43 -13.70 62.46
N ASP D 266 0.87 -13.37 61.25
CA ASP D 266 2.24 -12.88 61.13
C ASP D 266 2.32 -11.40 61.03
N LYS D 267 1.20 -10.68 61.22
CA LYS D 267 1.18 -9.23 60.97
C LYS D 267 2.13 -8.38 61.80
N GLU D 268 2.29 -8.71 63.10
CA GLU D 268 3.21 -7.87 63.98
C GLU D 268 4.67 -8.07 63.49
N LEU D 269 4.92 -9.29 63.07
CA LEU D 269 6.23 -9.63 62.56
C LEU D 269 6.52 -8.91 61.26
N ILE D 270 5.56 -8.89 60.32
CA ILE D 270 5.68 -7.98 59.14
C ILE D 270 5.95 -6.51 59.57
N LEU D 271 5.16 -5.97 60.50
CA LEU D 271 5.37 -4.56 60.98
C LEU D 271 6.80 -4.32 61.56
N GLU D 272 7.20 -5.23 62.46
CA GLU D 272 8.52 -5.06 63.13
C GLU D 272 9.71 -5.17 62.10
N ARG D 273 9.60 -6.13 61.18
CA ARG D 273 10.67 -6.29 60.17
C ARG D 273 10.68 -5.13 59.17
N SER D 274 9.51 -4.53 58.94
CA SER D 274 9.39 -3.38 58.01
C SER D 274 9.88 -2.10 58.65
N LEU D 275 9.43 -1.87 59.91
CA LEU D 275 10.06 -0.81 60.76
C LEU D 275 11.61 -0.97 60.79
N ALA D 276 12.10 -2.20 61.05
CA ALA D 276 13.58 -2.44 61.01
C ALA D 276 14.24 -2.16 59.67
N PHE D 277 13.65 -2.67 58.59
CA PHE D 277 14.13 -2.39 57.24
C PHE D 277 14.18 -0.88 56.91
N ILE D 278 13.10 -0.16 57.22
CA ILE D 278 13.15 1.31 57.14
C ILE D 278 14.25 1.92 58.04
N ARG D 279 14.23 1.56 59.35
CA ARG D 279 15.35 2.05 60.25
C ARG D 279 16.73 1.86 59.61
N LYS D 280 16.96 0.68 59.02
CA LYS D 280 18.31 0.39 58.48
C LYS D 280 18.70 0.92 57.09
N HIS D 281 17.82 1.68 56.40
CA HIS D 281 18.07 2.21 55.04
C HIS D 281 17.79 3.70 54.91
#